data_5D7P
#
_entry.id   5D7P
#
_cell.length_a   76.496
_cell.length_b   77.578
_cell.length_c   114.206
_cell.angle_alpha   90.00
_cell.angle_beta   90.00
_cell.angle_gamma   90.00
#
_symmetry.space_group_name_H-M   'P 21 21 21'
#
loop_
_entity.id
_entity.type
_entity.pdbx_description
1 polymer 'NAD-dependent protein deacetylase sirtuin-2'
2 non-polymer 'ZINC ION'
3 non-polymer '[(2R,3S,4R,5R)-5-(6-AMINOPURIN-9-YL)-3,4-DIHYDROXY-OXOLAN-2-YL]METHYL [HYDROXY-[[(2R,3S,4R,5S)-3,4,5-TRIHYDROXYOXOLAN-2-YL]METHOXY]PHOSPHORYL] HYDROGEN PHOSPHATE'
4 non-polymer '(1S)-6-chloro-2,3,4,9-tetrahydro-1H-carbazole-1- carboxamide'
5 non-polymer DI(HYDROXYETHYL)ETHER
6 water water
#
_entity_poly.entity_id   1
_entity_poly.type   'polypeptide(L)'
_entity_poly.pdbx_seq_one_letter_code
;GHMERLLDELTLEGVARYMQSERCRRVICLVGAGISTSAGIPDFRSPSTGLYDNLEKYHLPYPEAIFEISYFKKHPEPFF
ALAKELYPGQFKPTICHYFMRLLKDKGLLLRCYTQNIDTLERIAGLEQEDLVEAHGTFYTSHCVSASCRHEYPLSWMKEK
IFSEVTPKCEDCQSLVKPDIVFFGESLPARFFSCMQSDFLKVDLLLVMGTSLQVQPFASLISKAPLSTPRLLINKEKAGQ
SDPFLGMIMGLGGGMDFDSKKAYRDVAWLGECDQGCLALAELLGWKKELEDLVRREHASIDAQS
;
_entity_poly.pdbx_strand_id   A,B
#
loop_
_chem_comp.id
_chem_comp.type
_chem_comp.name
_chem_comp.formula
AR6 non-polymer '[(2R,3S,4R,5R)-5-(6-AMINOPURIN-9-YL)-3,4-DIHYDROXY-OXOLAN-2-YL]METHYL [HYDROXY-[[(2R,3S,4R,5S)-3,4,5-TRIHYDROXYOXOLAN-2-YL]METHOXY]PHOSPHORYL] HYDROGEN PHOSPHATE' 'C15 H23 N5 O14 P2'
OCZ non-polymer '(1S)-6-chloro-2,3,4,9-tetrahydro-1H-carbazole-1- carboxamide' 'C13 H13 Cl N2 O'
PEG non-polymer DI(HYDROXYETHYL)ETHER 'C4 H10 O3'
ZN non-polymer 'ZINC ION' 'Zn 2'
#
# COMPACT_ATOMS: atom_id res chain seq x y z
N HIS A 2 -8.13 0.17 28.34
CA HIS A 2 -8.97 1.40 28.39
C HIS A 2 -9.16 2.00 27.00
N MET A 3 -10.41 2.15 26.57
CA MET A 3 -10.70 2.91 25.36
C MET A 3 -11.56 4.11 25.74
N GLU A 4 -10.97 5.29 25.57
CA GLU A 4 -11.63 6.56 25.80
C GLU A 4 -12.58 6.82 24.63
N ARG A 5 -13.89 6.85 24.89
CA ARG A 5 -14.85 7.17 23.85
C ARG A 5 -15.19 8.64 23.91
N LEU A 6 -14.62 9.38 22.98
CA LEU A 6 -14.65 10.83 23.02
C LEU A 6 -15.89 11.41 22.37
N LEU A 7 -16.45 10.72 21.37
CA LEU A 7 -17.70 11.14 20.71
C LEU A 7 -18.94 10.61 21.44
N ASP A 8 -19.88 11.48 21.79
CA ASP A 8 -21.13 11.03 22.43
C ASP A 8 -22.09 10.37 21.44
N GLU A 9 -21.89 10.62 20.15
CA GLU A 9 -22.60 9.90 19.10
C GLU A 9 -21.84 10.08 17.79
N LEU A 10 -21.98 9.11 16.89
CA LEU A 10 -21.23 9.07 15.64
C LEU A 10 -21.95 9.87 14.57
N THR A 11 -22.00 11.18 14.76
CA THR A 11 -22.70 12.08 13.87
C THR A 11 -21.94 13.38 13.80
N LEU A 12 -22.26 14.20 12.81
CA LEU A 12 -21.69 15.55 12.72
C LEU A 12 -21.97 16.33 14.00
N GLU A 13 -23.18 16.18 14.53
CA GLU A 13 -23.58 16.83 15.78
C GLU A 13 -22.71 16.39 16.96
N GLY A 14 -22.38 15.09 17.03
CA GLY A 14 -21.47 14.57 18.04
C GLY A 14 -20.08 15.15 17.90
N VAL A 15 -19.60 15.25 16.65
CA VAL A 15 -18.29 15.83 16.39
C VAL A 15 -18.23 17.31 16.81
N ALA A 16 -19.26 18.08 16.47
CA ALA A 16 -19.32 19.51 16.83
C ALA A 16 -19.28 19.72 18.35
N ARG A 17 -20.02 18.90 19.09
CA ARG A 17 -19.99 19.00 20.55
C ARG A 17 -18.60 18.68 21.10
N TYR A 18 -17.95 17.68 20.53
CA TYR A 18 -16.57 17.37 20.89
C TYR A 18 -15.65 18.55 20.59
N MET A 19 -15.78 19.15 19.40
CA MET A 19 -14.92 20.27 19.03
C MET A 19 -15.03 21.47 19.98
N GLN A 20 -16.23 21.72 20.48
CA GLN A 20 -16.46 22.81 21.44
C GLN A 20 -15.94 22.51 22.85
N SER A 21 -15.71 21.24 23.15
CA SER A 21 -15.17 20.84 24.46
C SER A 21 -13.71 21.22 24.60
N GLU A 22 -13.25 21.24 25.87
CA GLU A 22 -11.87 21.58 26.20
C GLU A 22 -10.89 20.54 25.74
N ARG A 23 -11.39 19.33 25.56
CA ARG A 23 -10.62 18.18 25.14
C ARG A 23 -10.09 18.28 23.69
N CYS A 24 -10.79 19.05 22.85
CA CYS A 24 -10.40 19.18 21.45
C CYS A 24 -9.65 20.48 21.26
N ARG A 25 -8.32 20.36 21.26
CA ARG A 25 -7.43 21.51 21.19
C ARG A 25 -6.71 21.60 19.85
N ARG A 26 -6.43 20.45 19.24
CA ARG A 26 -5.56 20.37 18.07
C ARG A 26 -6.18 19.51 16.97
N VAL A 27 -6.46 20.13 15.83
CA VAL A 27 -7.08 19.45 14.71
C VAL A 27 -6.08 19.31 13.57
N ILE A 28 -6.03 18.13 12.96
CA ILE A 28 -5.29 17.97 11.73
C ILE A 28 -6.27 17.75 10.62
N CYS A 29 -6.15 18.55 9.55
CA CYS A 29 -6.94 18.35 8.34
C CYS A 29 -6.13 17.53 7.34
N LEU A 30 -6.76 16.50 6.77
CA LEU A 30 -6.19 15.67 5.69
C LEU A 30 -7.05 15.87 4.47
N VAL A 31 -6.48 16.49 3.43
CA VAL A 31 -7.31 16.87 2.28
C VAL A 31 -6.76 16.40 0.95
N GLY A 32 -7.68 16.28 -0.01
CA GLY A 32 -7.33 15.92 -1.36
C GLY A 32 -8.11 16.70 -2.39
N ALA A 33 -8.10 16.16 -3.59
CA ALA A 33 -8.57 16.88 -4.78
C ALA A 33 -10.05 17.23 -4.72
N GLY A 34 -10.83 16.49 -3.93
CA GLY A 34 -12.25 16.78 -3.78
C GLY A 34 -12.61 18.10 -3.09
N ILE A 35 -11.67 18.69 -2.36
CA ILE A 35 -11.93 20.02 -1.78
C ILE A 35 -11.75 21.16 -2.79
N SER A 36 -11.23 20.87 -3.98
CA SER A 36 -11.07 21.90 -5.00
C SER A 36 -11.95 21.72 -6.25
N THR A 37 -12.74 20.66 -6.32
CA THR A 37 -13.60 20.44 -7.49
C THR A 37 -14.67 21.53 -7.63
N SER A 38 -15.20 22.02 -6.52
CA SER A 38 -16.18 23.12 -6.58
C SER A 38 -15.55 24.44 -7.05
N ALA A 39 -14.23 24.57 -7.01
CA ALA A 39 -13.52 25.72 -7.59
C ALA A 39 -13.31 25.59 -9.10
N GLY A 40 -13.57 24.41 -9.66
CA GLY A 40 -13.34 24.16 -11.09
C GLY A 40 -12.17 23.24 -11.43
N ILE A 41 -11.53 22.66 -10.43
CA ILE A 41 -10.39 21.78 -10.68
C ILE A 41 -10.88 20.32 -10.59
N PRO A 42 -10.71 19.53 -11.65
CA PRO A 42 -11.17 18.13 -11.54
C PRO A 42 -10.39 17.34 -10.49
N ASP A 43 -10.99 16.28 -9.98
CA ASP A 43 -10.26 15.34 -9.14
C ASP A 43 -9.66 14.26 -10.03
N PHE A 44 -9.17 13.18 -9.43
CA PHE A 44 -8.54 12.12 -10.17
C PHE A 44 -9.45 10.95 -10.45
N ARG A 45 -10.16 10.50 -9.42
CA ARG A 45 -10.77 9.16 -9.45
C ARG A 45 -12.29 9.13 -9.47
N SER A 46 -12.94 10.30 -9.56
CA SER A 46 -14.38 10.33 -9.76
C SER A 46 -14.65 9.68 -11.12
N PRO A 47 -15.58 8.70 -11.18
CA PRO A 47 -15.87 8.11 -12.47
C PRO A 47 -16.29 9.17 -13.50
N SER A 48 -15.76 9.04 -14.70
CA SER A 48 -16.05 9.88 -15.87
C SER A 48 -15.51 11.30 -15.82
N THR A 49 -15.67 11.97 -14.69
CA THR A 49 -15.25 13.36 -14.55
C THR A 49 -13.82 13.51 -14.08
N GLY A 50 -13.31 12.50 -13.37
CA GLY A 50 -11.94 12.53 -12.86
C GLY A 50 -10.90 12.52 -13.96
N LEU A 51 -9.75 13.09 -13.64
CA LEU A 51 -8.65 13.19 -14.57
C LEU A 51 -8.28 11.84 -15.18
N TYR A 52 -8.28 10.77 -14.37
CA TYR A 52 -7.85 9.46 -14.84
C TYR A 52 -8.83 8.76 -15.81
N ASP A 53 -10.08 9.21 -15.86
CA ASP A 53 -11.02 8.77 -16.90
C ASP A 53 -11.03 9.71 -18.11
N ASN A 54 -10.06 10.63 -18.20
CA ASN A 54 -10.02 11.63 -19.27
C ASN A 54 -8.65 11.82 -19.94
N LEU A 55 -7.90 10.75 -20.12
CA LEU A 55 -6.56 10.85 -20.69
C LEU A 55 -6.40 10.05 -21.98
N GLU A 56 -7.51 9.69 -22.63
CA GLU A 56 -7.45 8.77 -23.79
C GLU A 56 -6.52 9.22 -24.90
N LYS A 57 -6.51 10.53 -25.18
CA LYS A 57 -5.73 11.06 -26.30
C LYS A 57 -4.22 10.88 -26.13
N TYR A 58 -3.75 10.67 -24.90
CA TYR A 58 -2.33 10.43 -24.66
C TYR A 58 -1.93 8.97 -24.83
N HIS A 59 -2.89 8.09 -25.09
CA HIS A 59 -2.60 6.68 -25.37
C HIS A 59 -1.60 6.11 -24.36
N LEU A 60 -1.88 6.34 -23.08
CA LEU A 60 -1.06 5.84 -21.98
C LEU A 60 -1.37 4.38 -21.76
N PRO A 61 -0.43 3.61 -21.18
CA PRO A 61 -0.65 2.21 -20.80
C PRO A 61 -1.69 2.03 -19.69
N TYR A 62 -1.69 2.97 -18.75
CA TYR A 62 -2.73 3.07 -17.72
C TYR A 62 -2.68 4.54 -17.29
N PRO A 63 -3.77 5.07 -16.73
CA PRO A 63 -3.84 6.51 -16.50
C PRO A 63 -2.73 7.07 -15.60
N GLU A 64 -2.36 6.33 -14.56
CA GLU A 64 -1.38 6.82 -13.56
C GLU A 64 0.01 7.04 -14.15
N ALA A 65 0.25 6.43 -15.32
CA ALA A 65 1.51 6.60 -16.02
C ALA A 65 1.91 8.05 -16.25
N ILE A 66 0.92 8.93 -16.47
CA ILE A 66 1.23 10.32 -16.74
C ILE A 66 1.86 11.05 -15.54
N PHE A 67 1.65 10.53 -14.33
CA PHE A 67 2.28 11.09 -13.14
C PHE A 67 3.14 10.04 -12.45
N GLU A 68 3.88 9.29 -13.25
CA GLU A 68 4.73 8.21 -12.75
C GLU A 68 6.14 8.44 -13.26
N ILE A 69 7.11 8.42 -12.35
CA ILE A 69 8.47 8.81 -12.72
C ILE A 69 9.15 7.88 -13.75
N SER A 70 8.97 6.56 -13.64
CA SER A 70 9.61 5.66 -14.61
C SER A 70 9.04 5.89 -16.01
N TYR A 71 7.71 5.98 -16.13
CA TYR A 71 7.11 6.26 -17.43
C TYR A 71 7.51 7.63 -17.98
N PHE A 72 7.46 8.64 -17.13
CA PHE A 72 7.90 10.00 -17.47
C PHE A 72 9.28 10.02 -18.14
N LYS A 73 10.23 9.31 -17.54
CA LYS A 73 11.61 9.29 -18.05
C LYS A 73 11.73 8.64 -19.42
N LYS A 74 10.85 7.69 -19.73
CA LYS A 74 10.80 7.11 -21.07
C LYS A 74 9.97 7.93 -22.05
N HIS A 75 8.89 8.55 -21.58
CA HIS A 75 7.95 9.31 -22.43
C HIS A 75 7.43 10.55 -21.72
N PRO A 76 8.22 11.63 -21.73
CA PRO A 76 7.86 12.83 -20.96
C PRO A 76 6.81 13.75 -21.60
N GLU A 77 6.51 13.54 -22.88
CA GLU A 77 5.70 14.49 -23.66
C GLU A 77 4.24 14.61 -23.19
N PRO A 78 3.57 13.47 -22.92
CA PRO A 78 2.20 13.50 -22.41
C PRO A 78 2.03 14.33 -21.15
N PHE A 79 2.91 14.16 -20.18
CA PHE A 79 2.86 14.98 -18.97
C PHE A 79 2.85 16.48 -19.33
N PHE A 80 3.83 16.89 -20.14
CA PHE A 80 3.95 18.31 -20.50
C PHE A 80 2.79 18.80 -21.36
N ALA A 81 2.25 17.93 -22.20
CA ALA A 81 1.05 18.26 -22.97
C ALA A 81 -0.19 18.43 -22.07
N LEU A 82 -0.26 17.67 -20.99
CA LEU A 82 -1.30 17.88 -19.98
C LEU A 82 -1.00 19.13 -19.15
N ALA A 83 0.27 19.32 -18.80
CA ALA A 83 0.66 20.49 -18.01
C ALA A 83 0.33 21.79 -18.73
N LYS A 84 0.34 21.77 -20.07
CA LYS A 84 -0.08 22.94 -20.87
C LYS A 84 -1.59 23.16 -20.72
N GLU A 85 -2.33 22.06 -20.58
CA GLU A 85 -3.79 22.09 -20.47
C GLU A 85 -4.25 22.44 -19.04
N LEU A 86 -3.35 22.34 -18.06
CA LEU A 86 -3.68 22.57 -16.64
C LEU A 86 -2.97 23.74 -15.97
N TYR A 87 -1.78 24.11 -16.46
CA TYR A 87 -1.04 25.27 -15.91
C TYR A 87 -1.83 26.58 -16.01
N PRO A 88 -2.57 26.77 -17.12
CA PRO A 88 -3.33 28.02 -17.21
C PRO A 88 -4.57 27.98 -16.32
N GLY A 89 -5.24 29.12 -16.20
CA GLY A 89 -6.46 29.18 -15.43
C GLY A 89 -6.19 29.38 -13.96
N GLN A 90 -6.96 30.28 -13.37
CA GLN A 90 -6.85 30.63 -11.97
C GLN A 90 -8.12 30.23 -11.27
N PHE A 91 -7.96 29.91 -10.00
CA PHE A 91 -9.05 29.39 -9.23
C PHE A 91 -9.06 30.09 -7.90
N LYS A 92 -10.24 30.20 -7.31
CA LYS A 92 -10.39 30.78 -6.00
C LYS A 92 -10.61 29.66 -5.02
N PRO A 93 -10.20 29.87 -3.75
CA PRO A 93 -10.46 28.83 -2.74
C PRO A 93 -11.94 28.67 -2.45
N THR A 94 -12.31 27.50 -1.97
CA THR A 94 -13.69 27.14 -1.72
C THR A 94 -14.04 27.42 -0.28
N ILE A 95 -15.32 27.25 0.04
CA ILE A 95 -15.80 27.36 1.40
C ILE A 95 -14.98 26.44 2.30
N CYS A 96 -14.70 25.24 1.82
CA CYS A 96 -13.95 24.24 2.59
C CYS A 96 -12.55 24.77 2.96
N HIS A 97 -11.86 25.39 2.02
CA HIS A 97 -10.57 26.04 2.32
C HIS A 97 -10.72 27.10 3.39
N TYR A 98 -11.77 27.92 3.29
CA TYR A 98 -11.98 28.99 4.28
C TYR A 98 -12.38 28.44 5.64
N PHE A 99 -12.99 27.25 5.69
CA PHE A 99 -13.26 26.60 6.96
C PHE A 99 -11.95 26.25 7.69
N MET A 100 -10.96 25.80 6.92
CA MET A 100 -9.64 25.50 7.47
C MET A 100 -8.95 26.79 7.95
N ARG A 101 -9.14 27.87 7.20
CA ARG A 101 -8.72 29.21 7.64
C ARG A 101 -9.34 29.58 9.00
N LEU A 102 -10.62 29.27 9.20
CA LEU A 102 -11.24 29.54 10.50
C LEU A 102 -10.61 28.72 11.63
N LEU A 103 -10.33 27.45 11.35
CA LEU A 103 -9.62 26.63 12.32
C LEU A 103 -8.28 27.25 12.69
N LYS A 104 -7.53 27.74 11.70
CA LYS A 104 -6.28 28.43 11.95
C LYS A 104 -6.50 29.62 12.87
N ASP A 105 -7.43 30.50 12.50
CA ASP A 105 -7.61 31.74 13.23
C ASP A 105 -8.28 31.53 14.60
N LYS A 106 -8.86 30.36 14.83
CA LYS A 106 -9.38 30.00 16.16
C LYS A 106 -8.40 29.19 17.02
N GLY A 107 -7.17 29.07 16.56
CA GLY A 107 -6.13 28.37 17.30
C GLY A 107 -6.33 26.87 17.40
N LEU A 108 -7.10 26.30 16.47
CA LEU A 108 -7.44 24.87 16.49
C LEU A 108 -6.65 24.06 15.47
N LEU A 109 -6.03 24.73 14.49
CA LEU A 109 -5.37 24.01 13.40
C LEU A 109 -3.91 23.72 13.74
N LEU A 110 -3.63 22.45 14.02
CA LEU A 110 -2.27 21.98 14.20
C LEU A 110 -1.55 21.90 12.85
N ARG A 111 -2.22 21.30 11.86
CA ARG A 111 -1.63 21.19 10.53
C ARG A 111 -2.70 20.80 9.53
N CYS A 112 -2.52 21.26 8.29
CA CYS A 112 -3.25 20.76 7.15
C CYS A 112 -2.25 20.02 6.29
N TYR A 113 -2.50 18.72 6.11
CA TYR A 113 -1.74 17.91 5.17
C TYR A 113 -2.56 17.82 3.92
N THR A 114 -2.01 18.32 2.82
CA THR A 114 -2.69 18.37 1.53
C THR A 114 -1.98 17.54 0.48
N GLN A 115 -2.78 16.85 -0.32
CA GLN A 115 -2.30 16.13 -1.49
C GLN A 115 -2.40 16.99 -2.75
N ASN A 116 -2.89 18.23 -2.58
CA ASN A 116 -3.10 19.13 -3.70
C ASN A 116 -1.89 20.03 -3.96
N ILE A 117 -1.76 20.40 -5.22
CA ILE A 117 -0.71 21.32 -5.69
C ILE A 117 -1.29 22.66 -6.16
N ASP A 118 -2.61 22.84 -6.01
CA ASP A 118 -3.28 24.04 -6.48
C ASP A 118 -2.98 25.29 -5.65
N THR A 119 -2.39 25.11 -4.46
CA THR A 119 -2.00 26.17 -3.54
C THR A 119 -3.17 26.95 -2.96
N LEU A 120 -4.38 26.41 -3.08
CA LEU A 120 -5.56 27.12 -2.64
C LEU A 120 -5.58 27.27 -1.12
N GLU A 121 -4.90 26.38 -0.40
CA GLU A 121 -4.84 26.49 1.06
C GLU A 121 -4.11 27.78 1.44
N ARG A 122 -2.98 28.03 0.79
CA ARG A 122 -2.25 29.28 0.98
C ARG A 122 -3.04 30.51 0.50
N ILE A 123 -3.68 30.42 -0.65
CA ILE A 123 -4.46 31.54 -1.15
C ILE A 123 -5.60 31.88 -0.16
N ALA A 124 -6.12 30.86 0.54
CA ALA A 124 -7.14 31.03 1.56
C ALA A 124 -6.60 31.58 2.90
N GLY A 125 -5.29 31.70 3.03
CA GLY A 125 -4.71 32.38 4.19
C GLY A 125 -3.94 31.48 5.14
N LEU A 126 -3.86 30.19 4.84
CA LEU A 126 -2.98 29.31 5.63
C LEU A 126 -1.55 29.68 5.28
N GLU A 127 -0.69 29.69 6.28
CA GLU A 127 0.71 30.06 6.09
C GLU A 127 1.54 28.81 5.93
N GLN A 128 2.77 28.99 5.47
CA GLN A 128 3.69 27.85 5.24
C GLN A 128 3.75 26.90 6.43
N GLU A 129 3.85 27.43 7.65
CA GLU A 129 4.01 26.55 8.81
C GLU A 129 2.76 25.73 9.14
N ASP A 130 1.59 26.21 8.70
CA ASP A 130 0.33 25.50 8.90
C ASP A 130 0.19 24.28 8.01
N LEU A 131 1.02 24.21 6.97
CA LEU A 131 0.82 23.32 5.84
C LEU A 131 1.91 22.29 5.66
N VAL A 132 1.49 21.09 5.28
CA VAL A 132 2.36 20.09 4.71
C VAL A 132 1.84 19.79 3.31
N GLU A 133 2.56 20.29 2.31
CA GLU A 133 2.20 20.09 0.93
C GLU A 133 2.81 18.74 0.52
N ALA A 134 2.08 17.68 0.89
CA ALA A 134 2.61 16.31 0.90
C ALA A 134 3.02 15.83 -0.48
N HIS A 135 2.33 16.31 -1.51
CA HIS A 135 2.65 15.88 -2.87
C HIS A 135 3.33 16.96 -3.68
N GLY A 136 4.03 17.85 -3.00
CA GLY A 136 4.91 18.77 -3.67
C GLY A 136 4.29 20.09 -4.07
N THR A 137 5.04 20.80 -4.90
CA THR A 137 4.68 22.12 -5.37
C THR A 137 5.16 22.28 -6.80
N PHE A 138 4.41 22.97 -7.64
CA PHE A 138 4.89 23.33 -8.99
C PHE A 138 5.76 24.60 -9.00
N TYR A 139 5.92 25.24 -7.84
CA TYR A 139 6.67 26.49 -7.71
C TYR A 139 8.18 26.36 -7.95
N THR A 140 8.75 25.23 -7.57
CA THR A 140 10.15 24.93 -7.85
C THR A 140 10.23 23.68 -8.72
N SER A 141 11.35 23.55 -9.43
CA SER A 141 11.63 22.39 -10.26
C SER A 141 13.04 21.86 -10.01
N HIS A 142 13.29 20.64 -10.48
CA HIS A 142 14.60 20.01 -10.35
C HIS A 142 14.90 19.08 -11.51
N CYS A 143 16.17 19.05 -11.89
CA CYS A 143 16.72 18.00 -12.73
C CYS A 143 16.44 16.65 -12.08
N VAL A 144 16.06 15.67 -12.89
CA VAL A 144 15.72 14.34 -12.37
C VAL A 144 16.95 13.47 -12.00
N SER A 145 18.14 13.82 -12.50
CA SER A 145 19.34 13.04 -12.18
C SER A 145 19.73 13.21 -10.71
N ALA A 146 19.84 12.10 -9.98
CA ALA A 146 20.10 12.11 -8.53
C ALA A 146 21.45 12.70 -8.13
N SER A 147 22.45 12.48 -8.98
CA SER A 147 23.80 13.00 -8.76
C SER A 147 23.86 14.50 -9.02
N CYS A 148 22.98 15.00 -9.88
CA CYS A 148 22.94 16.41 -10.22
C CYS A 148 21.92 17.17 -9.37
N ARG A 149 20.63 16.98 -9.66
CA ARG A 149 19.54 17.66 -8.92
C ARG A 149 19.64 19.19 -8.93
N HIS A 150 19.99 19.78 -10.08
CA HIS A 150 20.05 21.23 -10.18
C HIS A 150 18.64 21.82 -10.11
N GLU A 151 18.45 22.82 -9.25
CA GLU A 151 17.14 23.47 -9.08
C GLU A 151 16.93 24.56 -10.12
N TYR A 152 15.68 24.68 -10.56
CA TYR A 152 15.27 25.75 -11.48
C TYR A 152 14.00 26.42 -10.98
N PRO A 153 13.96 27.77 -11.05
CA PRO A 153 12.80 28.53 -10.55
C PRO A 153 11.59 28.41 -11.48
N LEU A 154 10.42 28.84 -10.99
CA LEU A 154 9.16 28.72 -11.72
C LEU A 154 9.18 29.34 -13.11
N SER A 155 9.76 30.54 -13.22
CA SER A 155 9.86 31.22 -14.51
C SER A 155 10.60 30.38 -15.55
N TRP A 156 11.72 29.78 -15.14
CA TRP A 156 12.49 28.89 -16.01
C TRP A 156 11.61 27.79 -16.59
N MET A 157 10.82 27.12 -15.73
CA MET A 157 9.94 26.01 -16.14
C MET A 157 8.81 26.50 -17.03
N LYS A 158 8.20 27.62 -16.64
CA LYS A 158 7.15 28.25 -17.44
C LYS A 158 7.69 28.66 -18.82
N GLU A 159 8.89 29.24 -18.85
CA GLU A 159 9.56 29.57 -20.11
C GLU A 159 9.63 28.34 -21.02
N LYS A 160 10.08 27.20 -20.48
CA LYS A 160 10.27 26.00 -21.30
C LYS A 160 8.95 25.38 -21.75
N ILE A 161 8.01 25.23 -20.81
CA ILE A 161 6.73 24.56 -21.12
C ILE A 161 5.91 25.31 -22.16
N PHE A 162 5.87 26.64 -22.05
CA PHE A 162 5.10 27.45 -22.97
C PHE A 162 5.86 27.77 -24.26
N SER A 163 7.13 27.38 -24.31
CA SER A 163 7.88 27.31 -25.57
C SER A 163 7.66 25.97 -26.30
N GLU A 164 6.87 25.08 -25.69
CA GLU A 164 6.64 23.71 -26.20
C GLU A 164 7.92 22.90 -26.45
N VAL A 165 8.99 23.24 -25.73
CA VAL A 165 10.22 22.45 -25.73
C VAL A 165 10.26 21.62 -24.44
N THR A 166 10.58 20.33 -24.58
CA THR A 166 10.68 19.46 -23.42
C THR A 166 11.87 19.91 -22.59
N PRO A 167 11.63 20.36 -21.34
CA PRO A 167 12.73 20.96 -20.56
C PRO A 167 13.86 20.00 -20.20
N LYS A 168 15.09 20.39 -20.51
CA LYS A 168 16.29 19.62 -20.16
C LYS A 168 17.22 20.42 -19.26
N CYS A 169 18.00 19.72 -18.44
CA CYS A 169 18.90 20.34 -17.47
C CYS A 169 20.14 20.89 -18.14
N GLU A 170 20.56 22.09 -17.74
CA GLU A 170 21.67 22.78 -18.38
C GLU A 170 23.05 22.21 -18.00
N ASP A 171 23.11 21.51 -16.86
CA ASP A 171 24.35 20.91 -16.39
C ASP A 171 24.54 19.47 -16.88
N CYS A 172 23.45 18.77 -17.19
CA CYS A 172 23.53 17.36 -17.59
C CYS A 172 22.59 16.85 -18.70
N GLN A 173 21.75 17.73 -19.26
CA GLN A 173 20.75 17.36 -20.29
C GLN A 173 19.62 16.39 -19.89
N SER A 174 19.55 16.02 -18.62
CA SER A 174 18.44 15.19 -18.13
C SER A 174 17.15 16.01 -18.02
N LEU A 175 16.01 15.31 -18.05
CA LEU A 175 14.70 15.96 -17.92
C LEU A 175 14.61 16.79 -16.65
N VAL A 176 13.82 17.86 -16.73
CA VAL A 176 13.49 18.69 -15.59
C VAL A 176 11.97 18.68 -15.47
N LYS A 177 11.49 18.54 -14.24
CA LYS A 177 10.05 18.58 -13.95
C LYS A 177 9.79 19.41 -12.71
N PRO A 178 8.58 19.99 -12.60
CA PRO A 178 8.21 20.65 -11.34
C PRO A 178 8.20 19.69 -10.17
N ASP A 179 8.37 20.23 -8.96
CA ASP A 179 8.53 19.45 -7.74
C ASP A 179 7.20 18.89 -7.21
N ILE A 180 6.31 18.51 -8.12
CA ILE A 180 5.09 17.79 -7.78
C ILE A 180 5.42 16.29 -7.80
N VAL A 181 4.90 15.57 -6.82
CA VAL A 181 5.37 14.22 -6.52
C VAL A 181 4.64 13.22 -7.40
N PHE A 182 5.43 12.48 -8.19
CA PHE A 182 4.95 11.42 -9.08
C PHE A 182 5.02 10.08 -8.36
N PHE A 183 4.27 9.08 -8.83
CA PHE A 183 4.45 7.71 -8.36
C PHE A 183 5.92 7.28 -8.52
N GLY A 184 6.48 6.73 -7.45
CA GLY A 184 7.88 6.30 -7.42
C GLY A 184 8.80 7.34 -6.82
N GLU A 185 8.32 8.58 -6.65
CA GLU A 185 9.14 9.67 -6.12
C GLU A 185 8.98 9.86 -4.62
N SER A 186 10.08 10.25 -3.98
CA SER A 186 10.11 10.60 -2.55
C SER A 186 9.24 11.81 -2.25
N LEU A 187 8.50 11.76 -1.14
CA LEU A 187 7.76 12.91 -0.64
C LEU A 187 8.76 13.85 0.02
N PRO A 188 8.40 15.14 0.16
CA PRO A 188 9.29 16.09 0.84
C PRO A 188 9.58 15.63 2.25
N ALA A 189 10.79 15.89 2.71
CA ALA A 189 11.24 15.45 4.03
C ALA A 189 10.35 16.02 5.15
N ARG A 190 9.82 17.23 4.95
CA ARG A 190 8.89 17.86 5.87
C ARG A 190 7.66 16.98 6.20
N PHE A 191 7.23 16.19 5.23
CA PHE A 191 6.10 15.27 5.43
C PHE A 191 6.37 14.35 6.61
N PHE A 192 7.48 13.62 6.57
CA PHE A 192 7.81 12.68 7.64
C PHE A 192 8.11 13.37 8.99
N SER A 193 8.85 14.49 8.95
CA SER A 193 9.24 15.16 10.17
C SER A 193 8.04 15.75 10.92
N CYS A 194 7.13 16.39 10.18
CA CYS A 194 5.92 16.89 10.80
C CYS A 194 5.03 15.75 11.30
N MET A 195 4.91 14.67 10.51
CA MET A 195 4.01 13.56 10.85
C MET A 195 4.36 12.94 12.20
N GLN A 196 5.65 12.67 12.42
CA GLN A 196 6.06 12.00 13.64
C GLN A 196 5.75 12.80 14.90
N SER A 197 5.80 14.12 14.79
CA SER A 197 5.46 15.01 15.89
C SER A 197 3.94 15.26 15.98
N ASP A 198 3.35 15.64 14.87
CA ASP A 198 1.93 16.03 14.86
C ASP A 198 0.98 14.94 15.36
N PHE A 199 1.21 13.70 14.89
CA PHE A 199 0.25 12.64 15.12
C PHE A 199 0.27 12.06 16.53
N LEU A 200 1.27 12.46 17.32
CA LEU A 200 1.28 12.16 18.74
C LEU A 200 0.30 13.03 19.53
N LYS A 201 -0.09 14.18 18.98
CA LYS A 201 -0.86 15.16 19.75
C LYS A 201 -2.09 15.72 19.00
N VAL A 202 -2.71 14.89 18.19
CA VAL A 202 -3.86 15.31 17.41
C VAL A 202 -5.13 14.87 18.15
N ASP A 203 -6.07 15.80 18.32
CA ASP A 203 -7.35 15.54 19.00
C ASP A 203 -8.49 15.23 18.05
N LEU A 204 -8.38 15.63 16.79
CA LEU A 204 -9.41 15.32 15.80
C LEU A 204 -8.77 15.30 14.43
N LEU A 205 -9.10 14.30 13.64
CA LEU A 205 -8.77 14.27 12.22
C LEU A 205 -9.98 14.66 11.42
N LEU A 206 -9.82 15.69 10.61
CA LEU A 206 -10.83 16.08 9.65
C LEU A 206 -10.31 15.71 8.26
N VAL A 207 -10.93 14.70 7.66
CA VAL A 207 -10.52 14.14 6.38
C VAL A 207 -11.54 14.59 5.33
N MET A 208 -11.10 15.29 4.29
CA MET A 208 -12.05 15.90 3.35
C MET A 208 -11.56 15.73 1.91
N GLY A 209 -12.47 15.31 1.02
CA GLY A 209 -12.19 15.32 -0.39
C GLY A 209 -11.04 14.47 -0.85
N THR A 210 -10.93 13.27 -0.31
CA THR A 210 -9.91 12.31 -0.75
C THR A 210 -10.45 10.88 -0.67
N SER A 211 -10.00 10.07 -1.62
CA SER A 211 -10.41 8.67 -1.70
C SER A 211 -9.50 7.78 -0.86
N LEU A 212 -8.41 8.34 -0.35
CA LEU A 212 -7.44 7.58 0.45
C LEU A 212 -6.92 6.35 -0.30
N GLN A 213 -6.62 6.54 -1.57
CA GLN A 213 -6.20 5.45 -2.45
C GLN A 213 -4.71 5.50 -2.77
N VAL A 214 -3.95 6.39 -2.14
CA VAL A 214 -2.50 6.39 -2.32
C VAL A 214 -1.74 6.47 -1.00
N GLN A 215 -0.67 5.68 -0.95
CA GLN A 215 0.27 5.67 0.15
C GLN A 215 1.45 6.60 -0.17
N PRO A 216 2.13 7.15 0.86
CA PRO A 216 1.92 6.97 2.28
C PRO A 216 0.80 7.84 2.88
N PHE A 217 0.21 8.74 2.08
CA PHE A 217 -0.80 9.64 2.64
C PHE A 217 -1.93 8.88 3.32
N ALA A 218 -2.36 7.77 2.71
CA ALA A 218 -3.43 6.96 3.27
C ALA A 218 -3.15 6.43 4.68
N SER A 219 -1.88 6.17 4.97
CA SER A 219 -1.44 5.72 6.29
C SER A 219 -1.63 6.70 7.42
N LEU A 220 -1.74 7.98 7.08
CA LEU A 220 -1.83 9.02 8.10
C LEU A 220 -3.00 8.81 9.07
N ILE A 221 -4.12 8.31 8.57
CA ILE A 221 -5.26 8.08 9.47
C ILE A 221 -4.91 7.08 10.59
N SER A 222 -4.06 6.12 10.28
CA SER A 222 -3.62 5.10 11.25
C SER A 222 -2.55 5.59 12.24
N LYS A 223 -1.98 6.76 11.99
CA LYS A 223 -0.98 7.36 12.88
C LYS A 223 -1.57 8.14 14.04
N ALA A 224 -2.84 8.48 13.97
CA ALA A 224 -3.49 9.17 15.07
C ALA A 224 -3.65 8.22 16.26
N PRO A 225 -3.69 8.76 17.48
CA PRO A 225 -3.96 7.92 18.64
C PRO A 225 -5.29 7.19 18.46
N LEU A 226 -5.45 6.04 19.10
CA LEU A 226 -6.63 5.22 18.88
C LEU A 226 -7.93 5.89 19.34
N SER A 227 -7.84 6.84 20.26
CA SER A 227 -9.03 7.52 20.75
C SER A 227 -9.45 8.73 19.90
N THR A 228 -8.58 9.19 19.00
CA THR A 228 -8.87 10.43 18.27
C THR A 228 -9.99 10.23 17.25
N PRO A 229 -11.10 10.98 17.40
CA PRO A 229 -12.18 10.86 16.42
C PRO A 229 -11.74 11.32 15.05
N ARG A 230 -12.36 10.75 14.02
CA ARG A 230 -11.97 11.03 12.66
C ARG A 230 -13.25 11.26 11.86
N LEU A 231 -13.38 12.47 11.31
CA LEU A 231 -14.58 12.86 10.58
C LEU A 231 -14.23 12.94 9.11
N LEU A 232 -14.94 12.15 8.29
CA LEU A 232 -14.80 12.23 6.85
C LEU A 232 -15.96 13.07 6.31
N ILE A 233 -15.62 14.11 5.55
CA ILE A 233 -16.59 14.90 4.77
C ILE A 233 -16.20 14.65 3.32
N ASN A 234 -17.05 13.94 2.60
CA ASN A 234 -16.70 13.43 1.30
C ASN A 234 -17.97 12.92 0.58
N LYS A 235 -17.97 12.98 -0.75
CA LYS A 235 -19.10 12.49 -1.54
C LYS A 235 -19.41 11.03 -1.24
N GLU A 236 -18.37 10.24 -0.97
CA GLU A 236 -18.49 8.79 -0.80
C GLU A 236 -17.68 8.35 0.41
N LYS A 237 -18.03 7.21 0.98
CA LYS A 237 -17.20 6.65 2.02
C LYS A 237 -15.85 6.37 1.39
N ALA A 238 -14.81 6.67 2.13
CA ALA A 238 -13.43 6.39 1.75
C ALA A 238 -12.75 5.81 2.96
N GLY A 239 -11.80 4.91 2.70
CA GLY A 239 -11.00 4.28 3.73
C GLY A 239 -11.66 3.14 4.49
N GLN A 240 -12.89 2.78 4.11
CA GLN A 240 -13.63 1.67 4.72
C GLN A 240 -13.90 0.60 3.67
N SER A 241 -13.20 -0.52 3.78
CA SER A 241 -13.43 -1.65 2.89
C SER A 241 -12.92 -2.92 3.50
N ASP A 242 -13.48 -4.02 3.03
CA ASP A 242 -12.99 -5.34 3.42
C ASP A 242 -11.61 -5.51 2.79
N PRO A 243 -10.74 -6.29 3.43
CA PRO A 243 -9.43 -6.54 2.82
C PRO A 243 -9.56 -7.39 1.55
N PHE A 244 -8.64 -7.15 0.61
CA PHE A 244 -8.52 -7.96 -0.59
C PHE A 244 -7.08 -7.83 -1.08
N LEU A 245 -6.67 -8.74 -1.94
CA LEU A 245 -5.33 -8.67 -2.52
C LEU A 245 -5.17 -7.43 -3.39
N GLY A 246 -4.19 -6.59 -3.06
CA GLY A 246 -3.95 -5.34 -3.75
C GLY A 246 -4.59 -4.14 -3.07
N MET A 247 -5.21 -4.35 -1.92
CA MET A 247 -5.76 -3.23 -1.15
C MET A 247 -4.67 -2.19 -0.87
N ILE A 248 -5.06 -0.92 -0.84
CA ILE A 248 -4.08 0.15 -0.61
C ILE A 248 -3.68 0.29 0.85
N MET A 249 -4.67 0.25 1.73
CA MET A 249 -4.48 0.37 3.17
CA MET A 249 -4.36 0.42 3.14
C MET A 249 -3.75 -0.85 3.72
N GLY A 250 -2.93 -0.63 4.73
CA GLY A 250 -2.38 -1.73 5.48
C GLY A 250 -3.51 -2.38 6.26
N LEU A 251 -3.27 -3.61 6.64
CA LEU A 251 -4.27 -4.42 7.29
C LEU A 251 -4.70 -3.78 8.62
N GLY A 252 -6.00 -3.54 8.80
CA GLY A 252 -6.48 -2.87 10.00
C GLY A 252 -6.26 -1.36 10.04
N GLY A 253 -5.75 -0.77 8.96
CA GLY A 253 -5.41 0.64 8.95
C GLY A 253 -6.50 1.59 8.47
N GLY A 254 -7.70 1.06 8.24
CA GLY A 254 -8.79 1.86 7.67
C GLY A 254 -9.75 2.53 8.64
N MET A 255 -10.72 3.21 8.06
CA MET A 255 -11.82 3.81 8.79
C MET A 255 -12.84 2.72 9.12
N ASP A 256 -13.52 2.85 10.26
CA ASP A 256 -14.61 1.97 10.61
C ASP A 256 -15.83 2.82 10.97
N PHE A 257 -16.64 3.13 9.98
CA PHE A 257 -17.87 3.90 10.19
C PHE A 257 -19.02 3.00 10.68
N ASP A 258 -19.09 1.78 10.13
CA ASP A 258 -20.35 1.03 10.12
C ASP A 258 -20.37 -0.32 10.87
N SER A 259 -19.22 -0.84 11.29
CA SER A 259 -19.22 -2.18 11.93
C SER A 259 -19.71 -2.10 13.36
N LYS A 260 -19.93 -3.28 13.94
CA LYS A 260 -20.35 -3.40 15.33
C LYS A 260 -19.35 -2.76 16.30
N LYS A 261 -18.09 -2.66 15.90
CA LYS A 261 -17.05 -2.07 16.74
C LYS A 261 -16.81 -0.55 16.51
N ALA A 262 -17.57 0.09 15.62
CA ALA A 262 -17.34 1.52 15.32
C ALA A 262 -17.50 2.35 16.58
N TYR A 263 -16.55 3.25 16.84
CA TYR A 263 -16.58 4.05 18.07
C TYR A 263 -16.11 5.50 17.94
N ARG A 264 -15.57 5.87 16.78
CA ARG A 264 -14.92 7.18 16.64
C ARG A 264 -14.86 7.77 15.23
N ASP A 265 -15.32 7.04 14.22
CA ASP A 265 -15.25 7.48 12.84
C ASP A 265 -16.66 7.83 12.36
N VAL A 266 -16.77 8.99 11.74
CA VAL A 266 -18.05 9.51 11.25
C VAL A 266 -17.88 9.87 9.79
N ALA A 267 -18.82 9.42 8.95
CA ALA A 267 -18.84 9.81 7.55
C ALA A 267 -20.05 10.70 7.27
N TRP A 268 -19.79 11.93 6.84
CA TRP A 268 -20.82 12.85 6.40
C TRP A 268 -20.70 12.90 4.89
N LEU A 269 -21.73 12.39 4.20
CA LEU A 269 -21.65 12.21 2.77
C LEU A 269 -22.34 13.33 2.03
N GLY A 270 -21.57 14.04 1.21
CA GLY A 270 -22.07 15.18 0.50
C GLY A 270 -20.89 15.99 0.00
N GLU A 271 -21.17 17.20 -0.48
CA GLU A 271 -20.10 18.03 -1.00
C GLU A 271 -19.37 18.72 0.14
N CYS A 272 -18.05 18.87 0.01
CA CYS A 272 -17.23 19.43 1.12
C CYS A 272 -17.70 20.81 1.59
N ASP A 273 -18.00 21.70 0.65
CA ASP A 273 -18.49 23.03 0.99
C ASP A 273 -19.74 22.99 1.86
N GLN A 274 -20.70 22.17 1.46
CA GLN A 274 -21.93 22.05 2.20
C GLN A 274 -21.70 21.33 3.55
N GLY A 275 -20.78 20.39 3.61
CA GLY A 275 -20.45 19.74 4.88
C GLY A 275 -19.78 20.69 5.86
N CYS A 276 -18.86 21.50 5.37
CA CYS A 276 -18.24 22.53 6.20
C CYS A 276 -19.24 23.60 6.67
N LEU A 277 -20.16 24.02 5.79
CA LEU A 277 -21.23 24.91 6.22
C LEU A 277 -22.08 24.30 7.34
N ALA A 278 -22.42 23.02 7.19
CA ALA A 278 -23.23 22.33 8.19
C ALA A 278 -22.52 22.28 9.52
N LEU A 279 -21.23 21.98 9.47
CA LEU A 279 -20.44 21.89 10.69
C LEU A 279 -20.29 23.25 11.34
N ALA A 280 -19.94 24.25 10.54
CA ALA A 280 -19.84 25.62 11.01
C ALA A 280 -21.13 26.10 11.69
N GLU A 281 -22.28 25.73 11.13
CA GLU A 281 -23.57 26.13 11.71
C GLU A 281 -23.73 25.52 13.10
N LEU A 282 -23.38 24.24 13.23
CA LEU A 282 -23.40 23.57 14.53
C LEU A 282 -22.47 24.22 15.55
N LEU A 283 -21.36 24.81 15.10
CA LEU A 283 -20.37 25.42 15.99
C LEU A 283 -20.67 26.89 16.31
N GLY A 284 -21.66 27.49 15.66
CA GLY A 284 -21.94 28.92 15.79
C GLY A 284 -21.08 29.80 14.90
N TRP A 285 -20.41 29.21 13.90
CA TRP A 285 -19.47 29.91 13.04
C TRP A 285 -20.02 30.23 11.64
N LYS A 286 -21.29 29.94 11.36
CA LYS A 286 -21.78 29.98 9.98
C LYS A 286 -21.68 31.39 9.37
N LYS A 287 -22.15 32.40 10.11
CA LYS A 287 -22.09 33.78 9.61
C LYS A 287 -20.65 34.24 9.44
N GLU A 288 -19.82 33.94 10.42
CA GLU A 288 -18.39 34.25 10.36
C GLU A 288 -17.75 33.66 9.11
N LEU A 289 -18.05 32.38 8.85
CA LEU A 289 -17.53 31.71 7.66
C LEU A 289 -18.02 32.36 6.37
N GLU A 290 -19.32 32.59 6.29
CA GLU A 290 -19.92 33.23 5.12
C GLU A 290 -19.32 34.61 4.88
N ASP A 291 -19.17 35.38 5.95
CA ASP A 291 -18.58 36.72 5.85
C ASP A 291 -17.14 36.65 5.35
N LEU A 292 -16.38 35.69 5.89
CA LEU A 292 -14.99 35.49 5.46
C LEU A 292 -14.89 35.16 3.98
N VAL A 293 -15.75 34.23 3.51
CA VAL A 293 -15.70 33.82 2.11
C VAL A 293 -16.03 35.00 1.19
N ARG A 294 -17.08 35.75 1.55
CA ARG A 294 -17.52 36.91 0.78
C ARG A 294 -16.37 37.90 0.68
N ARG A 295 -15.86 38.31 1.83
CA ARG A 295 -14.76 39.26 1.91
C ARG A 295 -13.54 38.85 1.08
N GLU A 296 -13.05 37.62 1.29
CA GLU A 296 -11.85 37.15 0.63
C GLU A 296 -12.03 37.02 -0.88
N HIS A 297 -13.19 36.55 -1.31
CA HIS A 297 -13.47 36.45 -2.73
C HIS A 297 -13.53 37.85 -3.35
N ALA A 298 -14.20 38.79 -2.69
CA ALA A 298 -14.27 40.17 -3.18
C ALA A 298 -12.87 40.78 -3.32
N SER A 299 -12.01 40.50 -2.34
CA SER A 299 -10.62 40.97 -2.36
C SER A 299 -9.77 40.41 -3.51
N ILE A 300 -9.94 39.12 -3.81
CA ILE A 300 -9.29 38.52 -4.98
C ILE A 300 -9.75 39.20 -6.27
N ASP A 301 -11.06 39.39 -6.39
CA ASP A 301 -11.64 40.10 -7.54
C ASP A 301 -11.22 41.57 -7.63
N ALA A 302 -10.68 42.11 -6.54
CA ALA A 302 -10.19 43.51 -6.49
C ALA A 302 -9.08 43.82 -7.50
N GLN A 303 -8.36 42.79 -7.97
CA GLN A 303 -7.30 42.97 -8.98
C GLN A 303 -7.52 42.03 -10.17
N GLU B 4 12.62 -1.62 22.23
CA GLU B 4 13.36 -2.62 23.07
C GLU B 4 14.18 -3.55 22.18
N ARG B 5 15.47 -3.66 22.46
CA ARG B 5 16.40 -4.42 21.60
C ARG B 5 16.79 -5.76 22.20
N LEU B 6 16.45 -6.86 21.52
CA LEU B 6 16.73 -8.22 22.00
C LEU B 6 17.94 -8.91 21.34
N LEU B 7 18.36 -8.47 20.16
CA LEU B 7 19.56 -9.04 19.50
C LEU B 7 20.83 -8.35 20.01
N ASP B 8 21.86 -9.14 20.32
CA ASP B 8 23.13 -8.59 20.78
C ASP B 8 23.89 -7.89 19.65
N GLU B 9 23.66 -8.33 18.43
CA GLU B 9 24.15 -7.62 17.25
C GLU B 9 23.24 -7.89 16.04
N LEU B 10 23.14 -6.90 15.16
CA LEU B 10 22.25 -6.98 14.00
C LEU B 10 22.90 -7.73 12.83
N THR B 11 23.11 -9.02 13.02
CA THR B 11 23.71 -9.89 12.00
C THR B 11 23.10 -11.26 12.16
N LEU B 12 23.36 -12.13 11.19
CA LEU B 12 22.91 -13.52 11.24
C LEU B 12 23.38 -14.24 12.51
N GLU B 13 24.62 -13.98 12.89
CA GLU B 13 25.20 -14.58 14.10
C GLU B 13 24.41 -14.15 15.33
N GLY B 14 24.04 -12.88 15.38
CA GLY B 14 23.20 -12.35 16.45
C GLY B 14 21.85 -13.02 16.50
N VAL B 15 21.25 -13.22 15.32
CA VAL B 15 19.97 -13.91 15.24
C VAL B 15 20.09 -15.36 15.70
N ALA B 16 21.17 -16.03 15.31
CA ALA B 16 21.43 -17.41 15.76
C ALA B 16 21.54 -17.53 17.29
N ARG B 17 22.31 -16.65 17.91
CA ARG B 17 22.45 -16.66 19.37
C ARG B 17 21.09 -16.41 20.03
N TYR B 18 20.30 -15.49 19.48
CA TYR B 18 18.95 -15.25 19.98
C TYR B 18 18.09 -16.51 19.89
N MET B 19 18.21 -17.24 18.77
CA MET B 19 17.40 -18.43 18.54
C MET B 19 17.68 -19.53 19.54
N GLN B 20 18.91 -19.54 20.05
CA GLN B 20 19.35 -20.51 21.05
C GLN B 20 19.02 -20.09 22.47
N SER B 21 18.51 -18.87 22.66
CA SER B 21 18.13 -18.40 23.99
C SER B 21 16.74 -18.89 24.35
N GLU B 22 16.44 -18.88 25.64
CA GLU B 22 15.14 -19.29 26.13
C GLU B 22 14.00 -18.42 25.55
N ARG B 23 14.30 -17.14 25.35
CA ARG B 23 13.37 -16.16 24.76
C ARG B 23 12.72 -16.57 23.45
N CYS B 24 13.44 -17.35 22.63
CA CYS B 24 12.98 -17.63 21.28
C CYS B 24 12.29 -18.99 21.16
N ARG B 25 10.99 -19.00 21.43
CA ARG B 25 10.18 -20.20 21.36
C ARG B 25 9.34 -20.32 20.10
N ARG B 26 8.82 -19.19 19.63
CA ARG B 26 7.87 -19.17 18.52
C ARG B 26 8.41 -18.39 17.32
N VAL B 27 8.53 -19.07 16.19
CA VAL B 27 9.04 -18.49 14.96
C VAL B 27 7.97 -18.54 13.87
N ILE B 28 7.74 -17.41 13.22
CA ILE B 28 6.86 -17.39 12.06
C ILE B 28 7.73 -17.12 10.83
N CYS B 29 7.52 -17.90 9.80
CA CYS B 29 8.17 -17.67 8.53
C CYS B 29 7.17 -16.97 7.61
N LEU B 30 7.64 -15.96 6.88
CA LEU B 30 6.82 -15.29 5.88
C LEU B 30 7.57 -15.47 4.57
N VAL B 31 6.97 -16.16 3.60
CA VAL B 31 7.69 -16.55 2.40
C VAL B 31 6.97 -16.20 1.11
N GLY B 32 7.76 -16.07 0.04
CA GLY B 32 7.23 -15.82 -1.29
C GLY B 32 7.96 -16.62 -2.35
N ALA B 33 7.79 -16.17 -3.59
CA ALA B 33 8.21 -16.93 -4.76
C ALA B 33 9.72 -17.13 -4.84
N GLY B 34 10.50 -16.26 -4.19
CA GLY B 34 11.96 -16.42 -4.14
C GLY B 34 12.48 -17.70 -3.50
N ILE B 35 11.67 -18.33 -2.64
CA ILE B 35 12.08 -19.59 -2.01
C ILE B 35 11.89 -20.81 -2.94
N SER B 36 11.28 -20.60 -4.12
CA SER B 36 11.08 -21.68 -5.08
C SER B 36 11.77 -21.50 -6.44
N THR B 37 12.52 -20.42 -6.62
CA THR B 37 13.19 -20.19 -7.91
C THR B 37 14.28 -21.24 -8.11
N SER B 38 14.98 -21.60 -7.03
CA SER B 38 16.03 -22.61 -7.11
C SER B 38 15.49 -23.99 -7.46
N ALA B 39 14.19 -24.20 -7.30
CA ALA B 39 13.51 -25.41 -7.74
C ALA B 39 13.05 -25.36 -9.20
N GLY B 40 13.18 -24.22 -9.85
CA GLY B 40 12.79 -24.08 -11.27
C GLY B 40 11.50 -23.30 -11.52
N ILE B 41 10.93 -22.72 -10.47
CA ILE B 41 9.70 -21.93 -10.60
C ILE B 41 10.09 -20.46 -10.58
N PRO B 42 9.91 -19.75 -11.71
CA PRO B 42 10.24 -18.33 -11.71
C PRO B 42 9.44 -17.57 -10.68
N ASP B 43 9.98 -16.45 -10.22
CA ASP B 43 9.26 -15.54 -9.34
C ASP B 43 8.41 -14.59 -10.21
N PHE B 44 7.95 -13.49 -9.64
CA PHE B 44 7.13 -12.55 -10.41
C PHE B 44 7.89 -11.37 -10.94
N ARG B 45 8.69 -10.76 -10.07
CA ARG B 45 9.16 -9.41 -10.26
C ARG B 45 10.66 -9.27 -10.53
N SER B 46 11.38 -10.39 -10.64
CA SER B 46 12.79 -10.31 -10.98
C SER B 46 12.90 -9.89 -12.46
N PRO B 47 13.78 -8.92 -12.76
CA PRO B 47 13.92 -8.53 -14.17
C PRO B 47 14.29 -9.72 -15.07
N SER B 48 13.70 -9.75 -16.26
CA SER B 48 13.99 -10.74 -17.32
C SER B 48 13.45 -12.15 -17.09
N THR B 49 13.66 -12.71 -15.89
CA THR B 49 13.22 -14.07 -15.60
C THR B 49 11.81 -14.15 -14.98
N GLY B 50 11.43 -13.08 -14.29
CA GLY B 50 10.14 -13.05 -13.60
C GLY B 50 8.95 -13.20 -14.53
N LEU B 51 7.88 -13.77 -13.99
CA LEU B 51 6.68 -14.03 -14.75
C LEU B 51 6.09 -12.77 -15.38
N TYR B 52 6.12 -11.66 -14.64
CA TYR B 52 5.55 -10.41 -15.14
C TYR B 52 6.33 -9.75 -16.28
N ASP B 53 7.57 -10.16 -16.49
CA ASP B 53 8.33 -9.74 -17.66
C ASP B 53 8.24 -10.74 -18.83
N ASN B 54 7.36 -11.74 -18.75
CA ASN B 54 7.28 -12.80 -19.75
C ASN B 54 5.87 -13.19 -20.16
N LEU B 55 4.97 -12.20 -20.21
CA LEU B 55 3.58 -12.45 -20.56
C LEU B 55 3.18 -11.74 -21.85
N GLU B 56 4.16 -11.30 -22.63
CA GLU B 56 3.89 -10.49 -23.83
C GLU B 56 2.90 -11.14 -24.81
N LYS B 57 2.92 -12.46 -24.94
CA LYS B 57 2.07 -13.14 -25.92
C LYS B 57 0.58 -13.11 -25.55
N TYR B 58 0.26 -12.75 -24.32
CA TYR B 58 -1.13 -12.69 -23.87
C TYR B 58 -1.76 -11.32 -24.10
N HIS B 59 -0.97 -10.35 -24.57
CA HIS B 59 -1.47 -9.05 -25.00
C HIS B 59 -2.25 -8.32 -23.92
N LEU B 60 -1.67 -8.26 -22.73
CA LEU B 60 -2.33 -7.69 -21.57
C LEU B 60 -2.03 -6.21 -21.46
N PRO B 61 -2.94 -5.44 -20.83
CA PRO B 61 -2.68 -4.02 -20.60
C PRO B 61 -1.53 -3.75 -19.62
N TYR B 62 -1.36 -4.65 -18.66
CA TYR B 62 -0.23 -4.65 -17.75
C TYR B 62 -0.18 -6.08 -17.21
N PRO B 63 1.01 -6.55 -16.80
CA PRO B 63 1.21 -7.96 -16.49
C PRO B 63 0.26 -8.54 -15.44
N GLU B 64 -0.05 -7.76 -14.42
CA GLU B 64 -0.87 -8.20 -13.29
C GLU B 64 -2.31 -8.54 -13.70
N ALA B 65 -2.75 -8.07 -14.86
CA ALA B 65 -4.12 -8.31 -15.33
C ALA B 65 -4.44 -9.78 -15.44
N ILE B 66 -3.43 -10.61 -15.71
CA ILE B 66 -3.65 -12.03 -15.83
C ILE B 66 -4.12 -12.69 -14.52
N PHE B 67 -3.87 -12.04 -13.38
CA PHE B 67 -4.37 -12.54 -12.09
C PHE B 67 -5.23 -11.48 -11.38
N GLU B 68 -6.05 -10.78 -12.16
CA GLU B 68 -6.87 -9.71 -11.64
C GLU B 68 -8.32 -10.11 -11.93
N ILE B 69 -9.19 -10.05 -10.92
CA ILE B 69 -10.50 -10.70 -11.01
C ILE B 69 -11.43 -10.03 -12.06
N SER B 70 -11.37 -8.71 -12.17
CA SER B 70 -12.23 -8.01 -13.15
C SER B 70 -11.78 -8.29 -14.59
N TYR B 71 -10.47 -8.25 -14.85
CA TYR B 71 -9.94 -8.62 -16.16
C TYR B 71 -10.28 -10.07 -16.50
N PHE B 72 -10.05 -10.96 -15.54
CA PHE B 72 -10.37 -12.38 -15.71
C PHE B 72 -11.81 -12.64 -16.19
N LYS B 73 -12.78 -12.00 -15.55
CA LYS B 73 -14.19 -12.21 -15.90
C LYS B 73 -14.48 -11.79 -17.34
N LYS B 74 -13.82 -10.72 -17.77
CA LYS B 74 -14.01 -10.16 -19.10
C LYS B 74 -13.24 -10.94 -20.16
N HIS B 75 -12.02 -11.38 -19.81
CA HIS B 75 -11.12 -12.07 -20.74
C HIS B 75 -10.46 -13.28 -20.03
N PRO B 76 -11.21 -14.38 -19.83
CA PRO B 76 -10.63 -15.46 -19.02
C PRO B 76 -9.57 -16.32 -19.72
N GLU B 77 -9.49 -16.19 -21.04
CA GLU B 77 -8.72 -17.12 -21.88
C GLU B 77 -7.22 -17.12 -21.55
N PRO B 78 -6.60 -15.92 -21.42
CA PRO B 78 -5.17 -15.88 -21.05
C PRO B 78 -4.82 -16.61 -19.75
N PHE B 79 -5.58 -16.39 -18.68
CA PHE B 79 -5.29 -17.11 -17.43
C PHE B 79 -5.29 -18.62 -17.61
N PHE B 80 -6.33 -19.14 -18.26
CA PHE B 80 -6.43 -20.58 -18.45
C PHE B 80 -5.36 -21.12 -19.42
N ALA B 81 -4.99 -20.31 -20.41
CA ALA B 81 -3.86 -20.65 -21.28
C ALA B 81 -2.55 -20.73 -20.48
N LEU B 82 -2.32 -19.75 -19.60
CA LEU B 82 -1.16 -19.77 -18.70
C LEU B 82 -1.21 -20.93 -17.72
N ALA B 83 -2.41 -21.23 -17.21
CA ALA B 83 -2.59 -22.32 -16.24
C ALA B 83 -2.25 -23.68 -16.85
N LYS B 84 -2.57 -23.86 -18.13
CA LYS B 84 -2.25 -25.09 -18.84
C LYS B 84 -0.75 -25.24 -19.05
N GLU B 85 -0.07 -24.12 -19.27
CA GLU B 85 1.38 -24.08 -19.43
C GLU B 85 2.12 -24.30 -18.11
N LEU B 86 1.56 -23.81 -17.00
CA LEU B 86 2.22 -23.90 -15.69
C LEU B 86 1.85 -25.12 -14.84
N TYR B 87 0.64 -25.65 -15.02
CA TYR B 87 0.20 -26.76 -14.17
C TYR B 87 1.08 -28.02 -14.24
N PRO B 88 1.46 -28.47 -15.46
CA PRO B 88 2.15 -29.76 -15.55
C PRO B 88 3.54 -29.83 -14.91
N GLY B 89 4.17 -28.67 -14.69
CA GLY B 89 5.47 -28.61 -14.04
C GLY B 89 5.58 -29.49 -12.80
N GLN B 90 6.67 -30.24 -12.72
CA GLN B 90 6.97 -31.09 -11.58
C GLN B 90 8.18 -30.52 -10.86
N PHE B 91 8.04 -30.28 -9.55
CA PHE B 91 9.10 -29.63 -8.79
C PHE B 91 9.30 -30.24 -7.41
N LYS B 92 10.50 -30.03 -6.87
CA LYS B 92 10.90 -30.58 -5.61
C LYS B 92 11.24 -29.44 -4.65
N PRO B 93 10.97 -29.63 -3.36
CA PRO B 93 11.30 -28.56 -2.43
C PRO B 93 12.79 -28.25 -2.37
N THR B 94 13.07 -27.05 -1.91
CA THR B 94 14.42 -26.52 -1.80
C THR B 94 14.94 -26.70 -0.39
N ILE B 95 16.24 -26.46 -0.25
CA ILE B 95 16.87 -26.45 1.06
C ILE B 95 16.13 -25.51 2.02
N CYS B 96 15.65 -24.38 1.50
CA CYS B 96 14.88 -23.43 2.30
C CYS B 96 13.60 -24.06 2.86
N HIS B 97 12.88 -24.82 2.05
CA HIS B 97 11.67 -25.51 2.49
C HIS B 97 11.99 -26.53 3.57
N TYR B 98 13.07 -27.27 3.37
CA TYR B 98 13.50 -28.24 4.36
C TYR B 98 14.00 -27.56 5.62
N PHE B 99 14.54 -26.36 5.51
CA PHE B 99 14.92 -25.62 6.72
C PHE B 99 13.68 -25.32 7.58
N MET B 100 12.59 -24.90 6.94
CA MET B 100 11.33 -24.67 7.66
C MET B 100 10.77 -25.98 8.28
N ARG B 101 10.90 -27.09 7.55
CA ARG B 101 10.58 -28.42 8.08
C ARG B 101 11.37 -28.74 9.36
N LEU B 102 12.64 -28.36 9.37
CA LEU B 102 13.50 -28.56 10.51
C LEU B 102 13.06 -27.69 11.69
N LEU B 103 12.67 -26.45 11.41
CA LEU B 103 12.08 -25.59 12.46
C LEU B 103 10.86 -26.25 13.12
N LYS B 104 10.02 -26.89 12.32
CA LYS B 104 8.87 -27.64 12.81
C LYS B 104 9.30 -28.79 13.73
N ASP B 105 10.23 -29.60 13.23
CA ASP B 105 10.68 -30.79 13.97
C ASP B 105 11.45 -30.41 15.24
N LYS B 106 12.11 -29.25 15.22
CA LYS B 106 12.80 -28.72 16.40
C LYS B 106 11.84 -28.00 17.37
N GLY B 107 10.55 -27.97 17.04
CA GLY B 107 9.54 -27.33 17.90
C GLY B 107 9.55 -25.81 17.96
N LEU B 108 10.14 -25.15 16.96
CA LEU B 108 10.23 -23.69 16.95
C LEU B 108 9.19 -23.00 16.05
N LEU B 109 8.68 -23.74 15.07
CA LEU B 109 7.78 -23.15 14.06
C LEU B 109 6.37 -23.00 14.58
N LEU B 110 5.93 -21.76 14.74
CA LEU B 110 4.55 -21.49 15.06
C LEU B 110 3.71 -21.59 13.80
N ARG B 111 4.18 -21.00 12.71
CA ARG B 111 3.43 -20.95 11.46
C ARG B 111 4.31 -20.54 10.30
N CYS B 112 4.05 -21.11 9.13
CA CYS B 112 4.59 -20.58 7.87
C CYS B 112 3.45 -19.93 7.05
N TYR B 113 3.54 -18.61 6.85
CA TYR B 113 2.62 -17.89 5.97
C TYR B 113 3.29 -17.81 4.63
N THR B 114 2.67 -18.41 3.63
CA THR B 114 3.22 -18.44 2.28
C THR B 114 2.32 -17.75 1.28
N GLN B 115 2.95 -17.04 0.34
CA GLN B 115 2.30 -16.44 -0.80
C GLN B 115 2.30 -17.38 -2.00
N ASN B 116 2.97 -18.51 -1.86
CA ASN B 116 3.10 -19.46 -2.97
C ASN B 116 1.95 -20.46 -3.02
N ILE B 117 1.67 -20.92 -4.23
CA ILE B 117 0.66 -21.93 -4.48
C ILE B 117 1.29 -23.25 -4.95
N ASP B 118 2.62 -23.31 -4.90
CA ASP B 118 3.33 -24.48 -5.44
C ASP B 118 3.24 -25.73 -4.54
N THR B 119 2.78 -25.55 -3.30
CA THR B 119 2.61 -26.61 -2.30
C THR B 119 3.91 -27.27 -1.83
N LEU B 120 5.05 -26.67 -2.15
CA LEU B 120 6.34 -27.26 -1.78
C LEU B 120 6.57 -27.29 -0.27
N GLU B 121 5.89 -26.41 0.46
CA GLU B 121 5.94 -26.50 1.93
C GLU B 121 5.35 -27.82 2.43
N ARG B 122 4.21 -28.23 1.86
CA ARG B 122 3.57 -29.50 2.21
C ARG B 122 4.41 -30.68 1.74
N ILE B 123 4.94 -30.60 0.54
CA ILE B 123 5.80 -31.66 0.00
C ILE B 123 7.06 -31.85 0.84
N ALA B 124 7.59 -30.76 1.42
CA ALA B 124 8.74 -30.84 2.32
C ALA B 124 8.40 -31.39 3.72
N GLY B 125 7.11 -31.53 4.02
CA GLY B 125 6.67 -32.20 5.25
C GLY B 125 5.94 -31.33 6.27
N LEU B 126 5.74 -30.05 5.97
CA LEU B 126 4.90 -29.22 6.83
C LEU B 126 3.47 -29.66 6.62
N GLU B 127 2.69 -29.68 7.69
CA GLU B 127 1.30 -30.11 7.60
C GLU B 127 0.37 -28.93 7.57
N GLN B 128 -0.91 -29.23 7.28
CA GLN B 128 -1.97 -28.22 7.23
C GLN B 128 -1.91 -27.23 8.36
N GLU B 129 -1.79 -27.70 9.59
CA GLU B 129 -1.90 -26.78 10.72
C GLU B 129 -0.67 -25.89 10.86
N ASP B 130 0.45 -26.27 10.24
CA ASP B 130 1.64 -25.43 10.23
C ASP B 130 1.55 -24.27 9.22
N LEU B 131 0.60 -24.35 8.29
CA LEU B 131 0.61 -23.49 7.11
C LEU B 131 -0.55 -22.53 7.04
N VAL B 132 -0.26 -21.33 6.56
CA VAL B 132 -1.26 -20.43 6.05
C VAL B 132 -0.91 -20.16 4.60
N GLU B 133 -1.70 -20.76 3.72
CA GLU B 133 -1.58 -20.56 2.29
C GLU B 133 -2.33 -19.28 1.95
N ALA B 134 -1.63 -18.16 2.11
CA ALA B 134 -2.26 -16.83 2.13
C ALA B 134 -2.85 -16.43 0.81
N HIS B 135 -2.24 -16.88 -0.27
CA HIS B 135 -2.73 -16.57 -1.61
C HIS B 135 -3.41 -17.77 -2.23
N GLY B 136 -3.89 -18.65 -1.38
CA GLY B 136 -4.81 -19.69 -1.81
C GLY B 136 -4.15 -20.95 -2.29
N THR B 137 -4.96 -21.75 -2.98
CA THR B 137 -4.56 -23.08 -3.39
C THR B 137 -5.25 -23.42 -4.72
N PHE B 138 -4.59 -24.21 -5.56
CA PHE B 138 -5.26 -24.76 -6.74
C PHE B 138 -5.97 -26.10 -6.46
N TYR B 139 -5.85 -26.61 -5.24
CA TYR B 139 -6.44 -27.92 -4.89
C TYR B 139 -7.96 -27.91 -5.09
N THR B 140 -8.61 -26.82 -4.70
CA THR B 140 -10.04 -26.68 -4.87
C THR B 140 -10.31 -25.48 -5.77
N SER B 141 -11.51 -25.47 -6.35
CA SER B 141 -11.95 -24.40 -7.27
C SER B 141 -13.37 -24.03 -6.91
N HIS B 142 -13.75 -22.79 -7.23
CA HIS B 142 -15.11 -22.32 -6.93
C HIS B 142 -15.66 -21.46 -8.07
N CYS B 143 -16.97 -21.59 -8.26
CA CYS B 143 -17.74 -20.65 -9.03
C CYS B 143 -17.54 -19.24 -8.48
N VAL B 144 -17.27 -18.28 -9.37
CA VAL B 144 -17.04 -16.89 -8.94
C VAL B 144 -18.31 -16.08 -8.54
N SER B 145 -19.50 -16.60 -8.83
CA SER B 145 -20.74 -15.91 -8.46
C SER B 145 -20.97 -15.96 -6.95
N ALA B 146 -21.19 -14.81 -6.31
CA ALA B 146 -21.28 -14.75 -4.85
C ALA B 146 -22.56 -15.40 -4.27
N SER B 147 -23.60 -15.52 -5.09
CA SER B 147 -24.85 -16.13 -4.64
C SER B 147 -24.86 -17.64 -4.88
N CYS B 148 -23.77 -18.17 -5.42
CA CYS B 148 -23.68 -19.58 -5.74
C CYS B 148 -22.46 -20.22 -5.07
N ARG B 149 -21.25 -19.87 -5.51
CA ARG B 149 -20.02 -20.37 -4.90
C ARG B 149 -19.93 -21.91 -4.89
N HIS B 150 -20.48 -22.57 -5.89
CA HIS B 150 -20.37 -24.03 -6.02
C HIS B 150 -18.89 -24.43 -6.03
N GLU B 151 -18.51 -25.41 -5.22
CA GLU B 151 -17.14 -25.92 -5.19
C GLU B 151 -16.93 -27.06 -6.18
N TYR B 152 -15.78 -27.08 -6.83
CA TYR B 152 -15.41 -28.15 -7.76
C TYR B 152 -14.04 -28.69 -7.40
N PRO B 153 -13.82 -30.02 -7.57
CA PRO B 153 -12.53 -30.60 -7.24
C PRO B 153 -11.49 -30.38 -8.32
N LEU B 154 -10.24 -30.63 -7.97
CA LEU B 154 -9.13 -30.48 -8.90
C LEU B 154 -9.32 -31.30 -10.18
N SER B 155 -9.92 -32.49 -10.06
CA SER B 155 -10.16 -33.35 -11.23
C SER B 155 -11.10 -32.70 -12.22
N TRP B 156 -12.14 -32.04 -11.70
CA TRP B 156 -13.11 -31.35 -12.54
C TRP B 156 -12.44 -30.21 -13.32
N MET B 157 -11.58 -29.47 -12.61
CA MET B 157 -10.86 -28.33 -13.20
C MET B 157 -9.87 -28.79 -14.27
N LYS B 158 -9.15 -29.86 -14.01
CA LYS B 158 -8.22 -30.43 -15.01
C LYS B 158 -8.98 -30.92 -16.24
N GLU B 159 -10.06 -31.66 -16.01
CA GLU B 159 -10.94 -32.12 -17.09
C GLU B 159 -11.27 -30.96 -18.03
N LYS B 160 -11.66 -29.82 -17.46
CA LYS B 160 -11.99 -28.64 -18.26
C LYS B 160 -10.75 -27.99 -18.87
N ILE B 161 -9.74 -27.71 -18.05
CA ILE B 161 -8.56 -26.97 -18.48
C ILE B 161 -7.83 -27.62 -19.64
N PHE B 162 -7.53 -28.91 -19.50
CA PHE B 162 -6.81 -29.65 -20.55
C PHE B 162 -7.72 -30.04 -21.71
N SER B 163 -9.04 -29.93 -21.52
CA SER B 163 -10.00 -30.04 -22.61
C SER B 163 -10.19 -28.71 -23.37
N GLU B 164 -9.45 -27.66 -22.98
CA GLU B 164 -9.53 -26.33 -23.61
C GLU B 164 -10.95 -25.76 -23.66
N VAL B 165 -11.74 -26.12 -22.64
CA VAL B 165 -13.05 -25.55 -22.42
C VAL B 165 -12.85 -24.58 -21.28
N THR B 166 -13.37 -23.36 -21.41
CA THR B 166 -13.35 -22.40 -20.32
C THR B 166 -14.28 -22.92 -19.23
N PRO B 167 -13.73 -23.21 -18.03
CA PRO B 167 -14.57 -23.82 -16.98
C PRO B 167 -15.76 -22.95 -16.59
N LYS B 168 -16.96 -23.54 -16.65
CA LYS B 168 -18.18 -22.85 -16.26
C LYS B 168 -18.97 -23.67 -15.25
N CYS B 169 -19.64 -22.96 -14.35
CA CYS B 169 -20.39 -23.58 -13.27
C CYS B 169 -21.63 -24.27 -13.82
N GLU B 170 -21.85 -25.51 -13.40
CA GLU B 170 -22.97 -26.31 -13.89
C GLU B 170 -24.32 -25.81 -13.41
N ASP B 171 -24.33 -25.05 -12.32
CA ASP B 171 -25.56 -24.47 -11.80
C ASP B 171 -25.88 -23.15 -12.49
N CYS B 172 -24.95 -22.21 -12.45
CA CYS B 172 -25.23 -20.83 -12.84
C CYS B 172 -24.44 -20.31 -14.07
N GLN B 173 -23.59 -21.17 -14.64
CA GLN B 173 -22.81 -20.82 -15.85
C GLN B 173 -21.76 -19.72 -15.67
N SER B 174 -21.53 -19.31 -14.43
CA SER B 174 -20.49 -18.35 -14.14
C SER B 174 -19.15 -19.06 -14.26
N LEU B 175 -18.07 -18.29 -14.41
CA LEU B 175 -16.73 -18.87 -14.50
C LEU B 175 -16.41 -19.58 -13.19
N VAL B 176 -15.60 -20.63 -13.30
CA VAL B 176 -15.06 -21.33 -12.13
C VAL B 176 -13.54 -21.22 -12.23
N LYS B 177 -12.89 -20.85 -11.12
CA LYS B 177 -11.44 -20.69 -11.09
C LYS B 177 -10.85 -21.42 -9.91
N PRO B 178 -9.58 -21.84 -10.02
CA PRO B 178 -8.91 -22.39 -8.84
C PRO B 178 -8.88 -21.36 -7.73
N ASP B 179 -8.84 -21.83 -6.50
CA ASP B 179 -8.91 -20.97 -5.31
C ASP B 179 -7.59 -20.24 -5.02
N ILE B 180 -6.89 -19.86 -6.08
CA ILE B 180 -5.71 -19.01 -5.97
C ILE B 180 -6.18 -17.55 -5.99
N VAL B 181 -5.58 -16.73 -5.13
CA VAL B 181 -6.10 -15.39 -4.90
C VAL B 181 -5.62 -14.41 -5.96
N PHE B 182 -6.58 -13.82 -6.67
CA PHE B 182 -6.32 -12.79 -7.65
C PHE B 182 -6.37 -11.39 -7.03
N PHE B 183 -5.74 -10.44 -7.68
CA PHE B 183 -5.94 -9.05 -7.34
C PHE B 183 -7.44 -8.72 -7.37
N GLY B 184 -7.92 -8.09 -6.30
CA GLY B 184 -9.33 -7.74 -6.16
C GLY B 184 -10.14 -8.76 -5.39
N GLU B 185 -9.54 -9.91 -5.08
CA GLU B 185 -10.22 -11.02 -4.39
C GLU B 185 -9.89 -11.05 -2.90
N SER B 186 -10.85 -11.60 -2.15
CA SER B 186 -10.66 -11.92 -0.75
C SER B 186 -9.61 -12.99 -0.52
N LEU B 187 -8.90 -12.87 0.58
CA LEU B 187 -7.95 -13.89 1.01
C LEU B 187 -8.71 -14.93 1.83
N PRO B 188 -8.16 -16.15 1.96
CA PRO B 188 -8.87 -17.19 2.70
C PRO B 188 -9.12 -16.79 4.14
N ALA B 189 -10.25 -17.25 4.69
CA ALA B 189 -10.64 -16.96 6.06
C ALA B 189 -9.54 -17.31 7.05
N ARG B 190 -8.85 -18.42 6.77
CA ARG B 190 -7.74 -18.89 7.61
C ARG B 190 -6.63 -17.86 7.80
N PHE B 191 -6.35 -17.08 6.76
CA PHE B 191 -5.34 -16.02 6.87
C PHE B 191 -5.65 -15.09 8.04
N PHE B 192 -6.90 -14.66 8.13
CA PHE B 192 -7.30 -13.67 9.14
C PHE B 192 -7.42 -14.27 10.54
N SER B 193 -7.95 -15.46 10.65
CA SER B 193 -8.08 -16.11 11.95
C SER B 193 -6.71 -16.50 12.55
N CYS B 194 -5.76 -16.94 11.71
CA CYS B 194 -4.42 -17.20 12.22
C CYS B 194 -3.64 -15.91 12.53
N MET B 195 -3.76 -14.92 11.64
CA MET B 195 -3.05 -13.65 11.79
C MET B 195 -3.45 -12.93 13.09
N GLN B 196 -4.73 -13.03 13.45
CA GLN B 196 -5.27 -12.37 14.63
C GLN B 196 -4.64 -12.86 15.92
N SER B 197 -4.22 -14.12 15.94
CA SER B 197 -3.63 -14.68 17.14
C SER B 197 -2.11 -15.00 17.06
N ASP B 198 -1.60 -15.40 15.90
CA ASP B 198 -0.20 -15.84 15.80
C ASP B 198 0.81 -14.74 16.15
N PHE B 199 0.47 -13.48 15.88
CA PHE B 199 1.46 -12.41 16.04
C PHE B 199 1.51 -11.82 17.46
N LEU B 200 0.65 -12.29 18.34
CA LEU B 200 0.60 -11.78 19.70
C LEU B 200 1.86 -12.15 20.49
N LYS B 201 2.30 -13.41 20.33
CA LYS B 201 3.45 -13.92 21.08
C LYS B 201 4.56 -14.49 20.22
N VAL B 202 4.72 -13.99 19.01
CA VAL B 202 5.83 -14.44 18.15
C VAL B 202 7.16 -13.83 18.59
N ASP B 203 8.20 -14.64 18.57
CA ASP B 203 9.53 -14.27 19.04
C ASP B 203 10.53 -13.92 17.94
N LEU B 204 10.28 -14.42 16.72
CA LEU B 204 11.12 -14.11 15.59
C LEU B 204 10.34 -14.24 14.30
N LEU B 205 10.51 -13.26 13.41
CA LEU B 205 10.02 -13.38 12.05
C LEU B 205 11.18 -13.71 11.13
N LEU B 206 10.99 -14.72 10.30
CA LEU B 206 11.94 -15.09 9.27
C LEU B 206 11.24 -14.85 7.93
N VAL B 207 11.71 -13.83 7.22
CA VAL B 207 11.13 -13.41 5.95
C VAL B 207 12.05 -13.85 4.82
N MET B 208 11.55 -14.66 3.90
CA MET B 208 12.38 -15.23 2.84
C MET B 208 11.73 -15.20 1.46
N GLY B 209 12.50 -14.72 0.49
CA GLY B 209 12.14 -14.90 -0.90
C GLY B 209 10.91 -14.10 -1.28
N THR B 210 10.77 -12.89 -0.76
CA THR B 210 9.64 -12.03 -1.18
C THR B 210 10.03 -10.56 -1.29
N SER B 211 9.44 -9.86 -2.25
CA SER B 211 9.67 -8.44 -2.44
C SER B 211 8.76 -7.59 -1.54
N LEU B 212 7.82 -8.22 -0.84
CA LEU B 212 6.86 -7.53 0.03
C LEU B 212 6.15 -6.40 -0.74
N GLN B 213 5.73 -6.71 -1.97
CA GLN B 213 5.08 -5.74 -2.84
C GLN B 213 3.57 -5.90 -2.92
N VAL B 214 3.00 -6.76 -2.08
CA VAL B 214 1.55 -6.91 -2.09
CA VAL B 214 1.58 -6.99 -2.10
C VAL B 214 0.93 -6.93 -0.71
N GLN B 215 -0.15 -6.18 -0.59
CA GLN B 215 -1.00 -6.17 0.61
C GLN B 215 -2.14 -7.16 0.44
N PRO B 216 -2.67 -7.66 1.56
CA PRO B 216 -2.29 -7.39 2.94
C PRO B 216 -1.14 -8.20 3.48
N PHE B 217 -0.52 -9.08 2.67
CA PHE B 217 0.58 -9.88 3.15
C PHE B 217 1.71 -9.02 3.68
N ALA B 218 2.01 -7.91 3.00
CA ALA B 218 3.10 -7.05 3.43
C ALA B 218 2.89 -6.46 4.85
N SER B 219 1.63 -6.30 5.28
CA SER B 219 1.31 -5.80 6.63
C SER B 219 1.73 -6.75 7.74
N LEU B 220 1.94 -8.02 7.41
CA LEU B 220 2.26 -9.00 8.44
C LEU B 220 3.50 -8.66 9.25
N ILE B 221 4.51 -8.07 8.62
CA ILE B 221 5.72 -7.74 9.38
C ILE B 221 5.46 -6.72 10.49
N SER B 222 4.49 -5.84 10.27
CA SER B 222 4.15 -4.84 11.28
C SER B 222 3.22 -5.38 12.38
N LYS B 223 2.76 -6.63 12.28
CA LYS B 223 1.84 -7.19 13.28
C LYS B 223 2.53 -7.80 14.50
N ALA B 224 3.80 -8.13 14.36
CA ALA B 224 4.59 -8.64 15.49
C ALA B 224 4.84 -7.53 16.51
N PRO B 225 5.10 -7.90 17.77
CA PRO B 225 5.50 -6.90 18.76
C PRO B 225 6.73 -6.14 18.30
N LEU B 226 6.85 -4.90 18.74
CA LEU B 226 7.96 -4.03 18.33
C LEU B 226 9.33 -4.57 18.74
N SER B 227 9.37 -5.44 19.76
CA SER B 227 10.62 -6.03 20.20
C SER B 227 11.02 -7.29 19.44
N THR B 228 10.15 -7.82 18.59
CA THR B 228 10.41 -9.08 17.88
C THR B 228 11.42 -8.88 16.75
N PRO B 229 12.61 -9.51 16.84
CA PRO B 229 13.57 -9.36 15.75
C PRO B 229 13.03 -9.92 14.44
N ARG B 230 13.53 -9.39 13.33
CA ARG B 230 13.08 -9.82 12.02
C ARG B 230 14.28 -9.99 11.11
N LEU B 231 14.42 -11.20 10.59
CA LEU B 231 15.51 -11.54 9.70
C LEU B 231 14.98 -11.78 8.31
N LEU B 232 15.58 -11.08 7.35
CA LEU B 232 15.28 -11.23 5.95
C LEU B 232 16.40 -11.99 5.28
N ILE B 233 16.04 -13.10 4.65
CA ILE B 233 16.94 -13.83 3.76
C ILE B 233 16.39 -13.69 2.35
N ASN B 234 17.09 -12.92 1.52
CA ASN B 234 16.59 -12.57 0.20
C ASN B 234 17.74 -12.07 -0.65
N LYS B 235 17.57 -12.08 -1.98
CA LYS B 235 18.62 -11.58 -2.89
C LYS B 235 18.86 -10.09 -2.76
N GLU B 236 17.80 -9.36 -2.40
CA GLU B 236 17.82 -7.90 -2.32
C GLU B 236 17.12 -7.49 -1.06
N LYS B 237 17.43 -6.30 -0.56
CA LYS B 237 16.69 -5.74 0.56
C LYS B 237 15.24 -5.53 0.10
N ALA B 238 14.31 -5.79 1.00
CA ALA B 238 12.88 -5.60 0.74
C ALA B 238 12.27 -5.03 2.00
N GLY B 239 11.26 -4.18 1.84
CA GLY B 239 10.54 -3.60 2.98
C GLY B 239 11.12 -2.32 3.56
N GLN B 240 12.26 -1.86 3.06
CA GLN B 240 12.90 -0.63 3.56
C GLN B 240 12.93 0.51 2.52
N SER B 241 12.42 1.69 2.89
CA SER B 241 12.55 2.87 2.04
C SER B 241 12.10 4.11 2.81
N ASP B 242 12.45 5.27 2.28
CA ASP B 242 11.82 6.52 2.71
C ASP B 242 10.38 6.54 2.17
N PRO B 243 9.56 7.47 2.68
CA PRO B 243 8.21 7.59 2.13
C PRO B 243 8.22 8.03 0.65
N PHE B 244 7.61 7.22 -0.21
CA PHE B 244 7.48 7.59 -1.63
C PHE B 244 6.11 7.25 -2.16
N LEU B 245 5.64 8.03 -3.12
CA LEU B 245 4.26 7.93 -3.58
C LEU B 245 4.04 6.58 -4.28
N GLY B 246 3.05 5.84 -3.83
CA GLY B 246 2.78 4.54 -4.40
C GLY B 246 3.48 3.38 -3.71
N MET B 247 4.26 3.67 -2.66
CA MET B 247 4.85 2.61 -1.82
C MET B 247 3.76 1.66 -1.33
N ILE B 248 4.14 0.39 -1.22
CA ILE B 248 3.22 -0.66 -0.85
C ILE B 248 3.02 -0.71 0.66
N MET B 249 4.12 -0.68 1.41
CA MET B 249 4.09 -0.62 2.88
C MET B 249 3.40 0.61 3.40
N GLY B 250 2.65 0.43 4.47
CA GLY B 250 2.17 1.55 5.24
C GLY B 250 3.33 2.33 5.84
N LEU B 251 3.07 3.58 6.17
CA LEU B 251 4.06 4.47 6.72
C LEU B 251 4.63 3.93 8.02
N GLY B 252 5.94 3.67 8.04
CA GLY B 252 6.58 3.12 9.22
C GLY B 252 6.37 1.63 9.45
N GLY B 253 5.63 0.96 8.58
CA GLY B 253 5.35 -0.46 8.73
C GLY B 253 6.42 -1.34 8.09
N GLY B 254 7.48 -0.71 7.59
CA GLY B 254 8.55 -1.42 6.92
C GLY B 254 9.65 -1.91 7.85
N MET B 255 10.73 -2.34 7.24
CA MET B 255 11.92 -2.78 7.94
C MET B 255 12.85 -1.58 8.06
N ASP B 256 13.66 -1.57 9.12
CA ASP B 256 14.74 -0.61 9.28
C ASP B 256 16.01 -1.39 9.58
N PHE B 257 16.73 -1.71 8.52
CA PHE B 257 18.00 -2.37 8.60
C PHE B 257 19.13 -1.38 8.85
N ASP B 258 19.05 -0.19 8.23
CA ASP B 258 20.25 0.66 8.04
C ASP B 258 20.26 2.04 8.69
N SER B 259 19.15 2.53 9.22
CA SER B 259 19.16 3.83 9.89
C SER B 259 19.95 3.70 11.20
N LYS B 260 20.40 4.83 11.73
CA LYS B 260 21.08 4.84 13.03
C LYS B 260 20.13 4.41 14.15
N LYS B 261 18.81 4.50 13.92
CA LYS B 261 17.83 4.00 14.86
C LYS B 261 17.50 2.50 14.68
N ALA B 262 18.22 1.79 13.81
CA ALA B 262 17.99 0.36 13.59
C ALA B 262 18.30 -0.42 14.87
N TYR B 263 17.38 -1.30 15.28
CA TYR B 263 17.51 -2.05 16.54
C TYR B 263 17.15 -3.53 16.52
N ARG B 264 16.50 -4.03 15.46
CA ARG B 264 16.00 -5.41 15.46
C ARG B 264 15.88 -6.12 14.10
N ASP B 265 16.13 -5.41 13.00
CA ASP B 265 15.98 -5.99 11.67
C ASP B 265 17.34 -6.29 11.07
N VAL B 266 17.44 -7.46 10.46
CA VAL B 266 18.69 -7.93 9.86
C VAL B 266 18.40 -8.41 8.43
N ALA B 267 19.21 -7.98 7.49
CA ALA B 267 19.07 -8.39 6.09
C ALA B 267 20.29 -9.20 5.71
N TRP B 268 20.07 -10.47 5.38
CA TRP B 268 21.12 -11.33 4.86
C TRP B 268 20.89 -11.48 3.36
N LEU B 269 21.78 -10.88 2.58
CA LEU B 269 21.58 -10.78 1.13
C LEU B 269 22.30 -11.90 0.41
N GLY B 270 21.51 -12.66 -0.35
CA GLY B 270 22.02 -13.77 -1.13
C GLY B 270 20.91 -14.76 -1.39
N GLU B 271 21.27 -15.97 -1.78
CA GLU B 271 20.29 -16.98 -2.11
C GLU B 271 19.65 -17.57 -0.84
N CYS B 272 18.33 -17.79 -0.88
CA CYS B 272 17.59 -18.33 0.28
C CYS B 272 18.20 -19.64 0.80
N ASP B 273 18.50 -20.55 -0.13
CA ASP B 273 19.12 -21.82 0.24
C ASP B 273 20.41 -21.63 1.03
N GLN B 274 21.27 -20.73 0.58
CA GLN B 274 22.57 -20.51 1.22
C GLN B 274 22.42 -19.80 2.54
N GLY B 275 21.49 -18.86 2.63
CA GLY B 275 21.16 -18.24 3.91
C GLY B 275 20.71 -19.27 4.94
N CYS B 276 19.91 -20.24 4.52
CA CYS B 276 19.35 -21.22 5.45
C CYS B 276 20.44 -22.21 5.89
N LEU B 277 21.32 -22.57 4.96
CA LEU B 277 22.51 -23.35 5.30
C LEU B 277 23.41 -22.64 6.29
N ALA B 278 23.71 -21.37 6.00
CA ALA B 278 24.55 -20.57 6.87
C ALA B 278 23.95 -20.49 8.27
N LEU B 279 22.65 -20.21 8.36
CA LEU B 279 21.99 -20.13 9.67
C LEU B 279 21.95 -21.49 10.38
N ALA B 280 21.69 -22.54 9.61
CA ALA B 280 21.64 -23.88 10.17
C ALA B 280 22.99 -24.24 10.80
N GLU B 281 24.08 -23.89 10.11
CA GLU B 281 25.43 -24.14 10.64
C GLU B 281 25.65 -23.42 11.97
N LEU B 282 25.28 -22.15 12.04
CA LEU B 282 25.40 -21.40 13.28
C LEU B 282 24.62 -22.07 14.43
N LEU B 283 23.51 -22.71 14.11
CA LEU B 283 22.68 -23.40 15.09
C LEU B 283 23.15 -24.82 15.40
N GLY B 284 24.18 -25.29 14.69
CA GLY B 284 24.67 -26.66 14.83
C GLY B 284 23.81 -27.67 14.11
N TRP B 285 22.97 -27.22 13.18
CA TRP B 285 22.03 -28.13 12.50
C TRP B 285 22.46 -28.51 11.08
N LYS B 286 23.65 -28.12 10.65
CA LYS B 286 24.02 -28.21 9.23
C LYS B 286 23.97 -29.64 8.69
N LYS B 287 24.61 -30.56 9.41
CA LYS B 287 24.63 -31.95 8.99
C LYS B 287 23.19 -32.47 8.90
N GLU B 288 22.41 -32.17 9.94
CA GLU B 288 21.01 -32.57 10.02
C GLU B 288 20.17 -32.07 8.85
N LEU B 289 20.36 -30.83 8.44
CA LEU B 289 19.61 -30.29 7.30
C LEU B 289 20.02 -31.00 6.01
N GLU B 290 21.33 -31.14 5.81
CA GLU B 290 21.86 -31.70 4.56
C GLU B 290 21.37 -33.12 4.28
N ASP B 291 21.35 -33.95 5.32
CA ASP B 291 20.84 -35.33 5.21
C ASP B 291 19.36 -35.33 4.83
N LEU B 292 18.59 -34.55 5.56
CA LEU B 292 17.16 -34.36 5.28
C LEU B 292 16.90 -33.99 3.83
N VAL B 293 17.68 -33.05 3.29
CA VAL B 293 17.57 -32.66 1.89
C VAL B 293 17.90 -33.82 0.95
N ARG B 294 19.02 -34.48 1.20
CA ARG B 294 19.50 -35.55 0.32
C ARG B 294 18.53 -36.74 0.27
N ARG B 295 18.11 -37.20 1.45
CA ARG B 295 17.14 -38.28 1.57
C ARG B 295 15.82 -37.94 0.88
N GLU B 296 15.32 -36.73 1.11
CA GLU B 296 14.03 -36.31 0.56
C GLU B 296 14.06 -36.15 -0.96
N HIS B 297 15.15 -35.57 -1.49
CA HIS B 297 15.31 -35.46 -2.95
C HIS B 297 15.47 -36.83 -3.60
N ALA B 298 16.20 -37.73 -2.95
CA ALA B 298 16.33 -39.11 -3.40
C ALA B 298 14.98 -39.83 -3.41
N SER B 299 14.19 -39.65 -2.34
CA SER B 299 12.85 -40.25 -2.22
C SER B 299 11.92 -39.84 -3.36
N ILE B 300 11.97 -38.56 -3.73
CA ILE B 300 11.15 -38.02 -4.83
C ILE B 300 11.54 -38.62 -6.19
N ASP B 301 12.83 -38.76 -6.45
CA ASP B 301 13.31 -39.34 -7.71
C ASP B 301 12.78 -40.77 -7.94
N ALA B 302 12.52 -41.51 -6.86
CA ALA B 302 11.99 -42.88 -6.94
C ALA B 302 10.56 -42.94 -7.48
ZN ZN C . 21.18 17.97 -14.21
N1 AR6 D . -17.15 17.26 -2.19
C2 AR6 D . -16.89 16.12 -1.52
N3 AR6 D . -16.20 15.12 -2.07
C4 AR6 D . -15.74 15.21 -3.35
C5 AR6 D . -16.00 16.40 -4.15
C6 AR6 D . -16.76 17.47 -3.46
N6 AR6 D . -17.06 18.61 -4.10
N7 AR6 D . -15.43 16.21 -5.35
C8 AR6 D . -14.85 14.97 -5.34
N9 AR6 D . -15.07 14.38 -4.13
PA AR6 D . -9.22 11.40 -5.72
PB AR6 D . -7.04 12.41 -4.11
C1' AR6 D . -14.54 13.12 -3.64
O1A AR6 D . -9.80 11.94 -6.99
O1B AR6 D . -6.57 13.80 -3.72
C1D AR6 D . -3.19 11.15 -7.44
O1D AR6 D . -2.34 10.21 -8.12
C2' AR6 D . -14.51 11.93 -4.56
O2' AR6 D . -15.74 11.21 -4.38
O2A AR6 D . -8.63 10.03 -5.60
O2B AR6 D . -7.52 11.50 -3.01
C2D AR6 D . -2.40 12.38 -7.01
O2D AR6 D . -1.08 11.97 -6.64
C3' AR6 D . -13.27 11.19 -4.05
O3' AR6 D . -13.52 10.30 -2.97
O3A AR6 D . -8.13 12.50 -5.28
C3D AR6 D . -3.20 12.83 -5.81
O3D AR6 D . -2.55 13.80 -5.01
C4' AR6 D . -12.35 12.30 -3.54
O4' AR6 D . -13.16 13.48 -3.40
C4D AR6 D . -3.46 11.48 -5.14
O4D AR6 D . -3.72 10.59 -6.23
C5' AR6 D . -11.24 12.60 -4.52
O5' AR6 D . -10.29 11.52 -4.54
C5D AR6 D . -4.61 11.44 -4.17
O5D AR6 D . -5.84 11.71 -4.88
NAQ OCZ E . -3.60 26.02 -12.61
OAP OCZ E . -3.47 26.99 -10.59
CAO OCZ E . -3.39 25.99 -11.30
NAG OCZ E . -0.89 24.11 -11.87
CAJ OCZ E . -3.66 21.77 -11.37
CAD OCZ E . 0.92 22.88 -13.11
CAC OCZ E . 1.24 21.65 -13.69
CAE OCZ E . -0.32 23.02 -12.50
CL OCZ E . 0.71 19.10 -14.39
CAF OCZ E . -1.25 21.97 -12.45
CAA OCZ E . -0.92 20.76 -13.05
CAH OCZ E . -2.40 22.45 -11.76
CAI OCZ E . -2.14 23.75 -11.42
CAB OCZ E . 0.31 20.62 -13.65
CAM OCZ E . -4.25 22.45 -10.14
CAK OCZ E . -3.07 24.64 -10.63
CAL OCZ E . -4.43 23.94 -10.41
NAQ OCZ F . -6.27 20.04 -6.76
OAP OCZ F . -4.02 20.13 -6.66
CAO OCZ F . -5.06 19.55 -7.01
NAG OCZ F . -2.84 17.13 -6.88
CAJ OCZ F . -3.66 17.95 -10.37
CAD OCZ F . -0.59 16.00 -6.87
CAC OCZ F . 0.43 15.54 -7.70
CAE OCZ F . -1.68 16.64 -7.45
CL OCZ F . 1.63 15.16 -10.09
CAF OCZ F . -1.76 16.86 -8.84
CAA OCZ F . -0.73 16.41 -9.65
CAH OCZ F . -3.02 17.50 -9.08
CAI OCZ F . -3.64 17.63 -7.88
CAB OCZ F . 0.35 15.75 -9.06
CAM OCZ F . -4.96 18.71 -10.13
CAK OCZ F . -5.03 18.17 -7.65
CAL OCZ F . -5.78 18.11 -9.00
ZN ZN G . -22.30 -21.11 -9.83
N1 AR6 H . 17.13 -16.38 -3.17
C2 AR6 H . 16.83 -15.21 -2.54
N3 AR6 H . 15.96 -14.32 -3.05
C4 AR6 H . 15.35 -14.58 -4.22
C5 AR6 H . 15.62 -15.81 -4.95
C6 AR6 H . 16.58 -16.74 -4.34
N6 AR6 H . 16.87 -17.89 -4.98
N7 AR6 H . 14.88 -15.80 -6.07
C8 AR6 H . 14.18 -14.64 -6.06
N9 AR6 H . 14.50 -13.92 -4.99
PA AR6 H . 8.29 -11.51 -6.14
PB AR6 H . 6.39 -12.54 -4.24
C1' AR6 H . 13.90 -12.68 -4.55
O1A AR6 H . 7.71 -10.12 -6.07
O1B AR6 H . 6.93 -11.57 -3.24
C1D AR6 H . 1.98 -11.82 -7.12
O1D AR6 H . 1.01 -10.94 -7.69
C2' AR6 H . 13.68 -11.59 -5.57
O2' AR6 H . 14.79 -10.73 -5.54
O2A AR6 H . 8.70 -12.12 -7.45
O2B AR6 H . 6.08 -13.96 -3.87
C2D AR6 H . 1.35 -13.06 -6.51
O2D AR6 H . 0.08 -12.72 -5.91
C3' AR6 H . 12.43 -10.93 -4.99
O3' AR6 H . 12.74 -9.98 -3.98
O3A AR6 H . 7.30 -12.66 -5.56
C3D AR6 H . 2.38 -13.36 -5.44
O3D AR6 H . 1.96 -14.32 -4.46
C4' AR6 H . 11.66 -12.05 -4.32
O4' AR6 H . 12.59 -13.13 -4.14
C4D AR6 H . 2.61 -11.97 -4.89
O4D AR6 H . 2.69 -11.16 -6.07
C5' AR6 H . 10.47 -12.50 -5.14
O5' AR6 H . 9.54 -11.42 -5.15
C5D AR6 H . 3.87 -11.83 -4.07
O5D AR6 H . 5.00 -12.00 -4.92
NAQ OCZ I . 2.93 -26.97 -11.44
OAP OCZ I . 3.44 -27.77 -9.41
CAO OCZ I . 3.03 -26.86 -10.13
NAG OCZ I . 0.30 -25.32 -10.52
CAJ OCZ I . 2.77 -22.61 -10.33
CAD OCZ I . -1.74 -24.37 -11.67
CAC OCZ I . -2.27 -23.22 -12.25
CAE OCZ I . -0.46 -24.33 -11.16
CL OCZ I . -2.17 -20.64 -13.04
CAF OCZ I . 0.32 -23.16 -11.20
CAA OCZ I . -0.22 -22.02 -11.78
CAH OCZ I . 1.57 -23.46 -10.57
CAI OCZ I . 1.52 -24.76 -10.18
CAB OCZ I . -1.51 -22.07 -12.30
CAM OCZ I . 3.59 -23.17 -9.19
CAK OCZ I . 2.63 -25.51 -9.48
CAL OCZ I . 3.92 -24.64 -9.44
NAQ OCZ J . 5.89 -20.32 -6.43
OAP OCZ J . 3.70 -20.58 -6.04
CAO OCZ J . 4.64 -19.92 -6.50
NAG OCZ J . 2.26 -17.63 -6.14
CAJ OCZ J . 2.63 -18.67 -9.66
CAD OCZ J . -0.08 -16.71 -5.90
CAC OCZ J . -1.25 -16.42 -6.59
CAE OCZ J . 0.97 -17.32 -6.57
CL OCZ J . -2.80 -16.33 -8.79
CAF OCZ J . 0.87 -17.64 -7.93
CAA OCZ J . -0.30 -17.35 -8.62
CAH OCZ J . 2.15 -18.18 -8.33
CAI OCZ J . 2.95 -18.15 -7.23
CAB OCZ J . -1.34 -16.74 -7.93
CAM OCZ J . 4.00 -19.34 -9.55
CAK OCZ J . 4.41 -18.55 -7.17
CAL OCZ J . 4.93 -18.55 -8.64
C1 PEG K . 13.87 -18.82 -12.41
O1 PEG K . 13.43 -20.00 -11.69
C2 PEG K . 14.97 -18.10 -11.64
O2 PEG K . 14.47 -16.94 -10.95
C3 PEG K . 15.45 -16.28 -10.14
C4 PEG K . 15.00 -14.85 -9.83
O4 PEG K . 16.06 -14.05 -9.30
#